data_6NNR
#
_entry.id   6NNR
#
_cell.length_a   125.530
_cell.length_b   125.530
_cell.length_c   66.757
_cell.angle_alpha   90.00
_cell.angle_beta   90.00
_cell.angle_gamma   120.00
#
_symmetry.space_group_name_H-M   'P 63'
#
loop_
_entity.id
_entity.type
_entity.pdbx_description
1 polymer 'Thymidylate synthase'
2 non-polymer "2'-deoxy-5'-uridylic acid"
3 non-polymer '10-PROPARGYL-5,8-DIDEAZAFOLIC ACID'
4 non-polymer 'SODIUM ION'
5 non-polymer '4-(2-HYDROXYETHYL)-1-PIPERAZINE ETHANESULFONIC ACID'
6 water water
#
_entity_poly.entity_id   1
_entity_poly.type   'polypeptide(L)'
_entity_poly.pdbx_seq_one_letter_code
;(CXM)KQYLELMQKVLDEGTQKNDRTGTGTLSIFGHQMRFNLQDGFPLVTTKRCHLRSIIHELLWFLQGDTNIAYLHENN
VTIWDEWADENGDLGPVYGKQWRAWPTPDGRHIDQITTVLNQLKNDPDSRRIIVSAWNVGELDKMALAPCHAFFQFYVAD
GKLSCQLYQRSCDVFLGLPFNIASYALLVHMMAQQCDLEVGDFVWTGGDTHLYSNHMDQTHLQLSREPRPLPKLIIKRKP
ESIFDYRFEDFEIEGYDPHPGIKAPVAI
;
_entity_poly.pdbx_strand_id   A,B
#
loop_
_chem_comp.id
_chem_comp.type
_chem_comp.name
_chem_comp.formula
CB3 non-polymer '10-PROPARGYL-5,8-DIDEAZAFOLIC ACID' 'C24 H23 N5 O6'
EPE non-polymer '4-(2-HYDROXYETHYL)-1-PIPERAZINE ETHANESULFONIC ACID' 'C8 H18 N2 O4 S'
NA non-polymer 'SODIUM ION' 'Na 1'
UMC non-polymer '2'-deoxy-5'-uridylic acid' 'C9 H15 N2 O8 P'
#
# COMPACT_ATOMS: atom_id res chain seq x y z
N CXM A 1 12.16 12.61 -14.82
CA CXM A 1 12.16 13.36 -13.57
CB CXM A 1 10.82 13.23 -12.83
CG CXM A 1 9.65 13.84 -13.52
SD CXM A 1 8.10 13.64 -12.65
CE CXM A 1 7.71 11.93 -13.03
C CXM A 1 13.25 12.77 -12.70
O CXM A 1 13.50 11.57 -12.73
CN CXM A 1 11.90 13.13 -16.03
ON1 CXM A 1 11.97 12.35 -17.03
ON2 CXM A 1 11.55 14.33 -16.16
HA CXM A 1 12.34 14.31 -13.75
HB2 CXM A 1 10.91 13.63 -11.95
HG2 CXM A 1 9.56 13.44 -14.40
HE1 CXM A 1 8.41 11.37 -12.69
HE2 CXM A 1 7.63 11.83 -13.97
HE3 CXM A 1 6.88 11.70 -12.60
N LYS A 2 13.81 13.58 -11.81
CA LYS A 2 14.85 13.11 -10.90
C LYS A 2 14.44 11.84 -10.13
N GLN A 3 13.26 11.85 -9.52
CA GLN A 3 12.86 10.70 -8.69
C GLN A 3 12.73 9.44 -9.55
N TYR A 4 12.23 9.61 -10.76
CA TYR A 4 11.97 8.49 -11.67
C TYR A 4 13.28 7.89 -12.18
N LEU A 5 14.22 8.74 -12.59
CA LEU A 5 15.53 8.24 -13.04
C LEU A 5 16.29 7.60 -11.87
N GLU A 6 16.14 8.14 -10.66
CA GLU A 6 16.79 7.51 -9.51
C GLU A 6 16.21 6.12 -9.26
N LEU A 7 14.90 5.94 -9.45
CA LEU A 7 14.31 4.63 -9.30
C LEU A 7 14.84 3.68 -10.37
N MET A 8 14.87 4.11 -11.62
CA MET A 8 15.45 3.26 -12.67
C MET A 8 16.83 2.78 -12.26
N GLN A 9 17.68 3.71 -11.81
CA GLN A 9 19.04 3.35 -11.46
C GLN A 9 19.08 2.40 -10.26
N LYS A 10 18.15 2.56 -9.31
CA LYS A 10 18.09 1.66 -8.16
C LYS A 10 17.70 0.24 -8.59
N VAL A 11 16.72 0.10 -9.49
CA VAL A 11 16.39 -1.24 -9.99
C VAL A 11 17.62 -1.86 -10.65
N LEU A 12 18.32 -1.08 -11.48
CA LEU A 12 19.51 -1.60 -12.15
C LEU A 12 20.58 -1.99 -11.15
N ASP A 13 20.79 -1.18 -10.12
CA ASP A 13 21.89 -1.42 -9.18
C ASP A 13 21.58 -2.54 -8.19
N GLU A 14 20.32 -2.73 -7.82
N GLU A 14 20.33 -2.71 -7.79
CA GLU A 14 19.95 -3.59 -6.71
CA GLU A 14 19.97 -3.61 -6.71
C GLU A 14 18.99 -4.70 -7.08
C GLU A 14 19.10 -4.79 -7.13
N GLY A 15 18.50 -4.74 -8.31
CA GLY A 15 17.53 -5.75 -8.68
C GLY A 15 18.13 -7.12 -8.92
N THR A 16 17.26 -8.12 -8.96
N THR A 16 17.22 -8.11 -8.83
CA THR A 16 17.69 -9.46 -9.32
CA THR A 16 17.50 -9.52 -9.07
C THR A 16 16.81 -9.98 -10.45
C THR A 16 16.74 -9.99 -10.30
N GLN A 17 17.35 -10.93 -11.21
N GLN A 17 17.37 -10.85 -11.09
CA GLN A 17 16.58 -11.51 -12.30
CA GLN A 17 16.80 -11.34 -12.34
C GLN A 17 15.45 -12.38 -11.76
C GLN A 17 15.77 -12.44 -12.04
N LYS A 18 14.30 -12.25 -12.41
N LYS A 18 14.55 -12.27 -12.56
CA LYS A 18 13.11 -13.05 -12.12
CA LYS A 18 13.45 -13.18 -12.28
C LYS A 18 12.48 -13.47 -13.44
C LYS A 18 12.73 -13.56 -13.57
N ASN A 19 12.06 -14.72 -13.53
CA ASN A 19 11.07 -15.08 -14.54
C ASN A 19 9.75 -14.39 -14.18
N ASP A 20 8.82 -14.32 -15.13
CA ASP A 20 7.55 -13.69 -14.85
C ASP A 20 6.42 -14.33 -15.66
N ARG A 21 5.19 -13.96 -15.26
CA ARG A 21 3.97 -14.46 -15.90
C ARG A 21 4.02 -14.38 -17.42
N THR A 22 4.54 -13.28 -17.97
CA THR A 22 4.49 -13.03 -19.41
C THR A 22 5.54 -13.83 -20.18
N GLY A 23 6.49 -14.46 -19.50
CA GLY A 23 7.58 -15.16 -20.15
C GLY A 23 8.70 -14.28 -20.65
N THR A 24 8.72 -13.01 -20.27
CA THR A 24 9.71 -12.06 -20.76
C THR A 24 10.97 -12.02 -19.90
N GLY A 25 10.79 -12.11 -18.58
CA GLY A 25 11.89 -11.94 -17.65
C GLY A 25 12.05 -10.48 -17.24
N THR A 26 12.38 -10.25 -15.97
CA THR A 26 12.54 -8.90 -15.44
C THR A 26 13.78 -8.83 -14.55
N LEU A 27 14.19 -7.59 -14.28
CA LEU A 27 15.08 -7.26 -13.18
C LEU A 27 14.23 -6.52 -12.15
N SER A 28 14.26 -6.98 -10.90
N SER A 28 14.16 -7.02 -10.92
CA SER A 28 13.22 -6.65 -9.93
CA SER A 28 13.18 -6.46 -9.99
C SER A 28 13.79 -6.26 -8.57
C SER A 28 13.78 -6.23 -8.61
N ILE A 29 13.23 -5.21 -7.96
CA ILE A 29 13.39 -4.95 -6.53
C ILE A 29 12.02 -5.05 -5.87
N PHE A 30 12.02 -5.10 -4.54
CA PHE A 30 10.78 -5.18 -3.77
C PHE A 30 10.79 -4.08 -2.72
N GLY A 31 9.86 -3.15 -2.84
CA GLY A 31 9.76 -2.05 -1.91
C GLY A 31 10.52 -0.82 -2.36
N HIS A 32 9.79 0.27 -2.57
CA HIS A 32 10.38 1.57 -2.88
C HIS A 32 9.35 2.61 -2.48
N GLN A 33 9.82 3.83 -2.20
CA GLN A 33 8.91 4.95 -1.97
C GLN A 33 9.55 6.22 -2.47
N MET A 34 8.76 7.08 -3.09
CA MET A 34 9.22 8.37 -3.57
C MET A 34 8.04 9.35 -3.50
N ARG A 35 8.35 10.64 -3.56
N ARG A 35 8.33 10.65 -3.65
CA ARG A 35 7.34 11.68 -3.41
CA ARG A 35 7.38 11.71 -3.34
C ARG A 35 7.47 12.70 -4.53
C ARG A 35 7.48 12.84 -4.37
N PHE A 36 6.33 13.27 -4.92
CA PHE A 36 6.23 14.36 -5.88
C PHE A 36 5.41 15.47 -5.21
N ASN A 37 6.04 16.61 -4.94
CA ASN A 37 5.32 17.78 -4.44
C ASN A 37 4.65 18.41 -5.65
N LEU A 38 3.32 18.32 -5.72
CA LEU A 38 2.61 18.74 -6.93
C LEU A 38 2.66 20.25 -7.13
N GLN A 39 3.03 21.02 -6.10
CA GLN A 39 3.24 22.45 -6.29
C GLN A 39 4.54 22.76 -6.99
N ASP A 40 5.46 21.78 -7.10
CA ASP A 40 6.68 21.97 -7.90
C ASP A 40 6.39 21.94 -9.40
N GLY A 41 5.30 21.33 -9.81
CA GLY A 41 4.99 21.12 -11.21
C GLY A 41 4.32 19.77 -11.39
N PHE A 42 3.77 19.57 -12.58
CA PHE A 42 3.01 18.38 -12.88
C PHE A 42 3.97 17.26 -13.27
N PRO A 43 3.93 16.10 -12.58
CA PRO A 43 4.99 15.08 -12.73
C PRO A 43 4.77 14.15 -13.93
N LEU A 44 4.91 14.75 -15.13
CA LEU A 44 4.93 14.04 -16.39
C LEU A 44 6.39 13.89 -16.86
N VAL A 45 6.84 12.64 -16.99
CA VAL A 45 8.21 12.36 -17.43
C VAL A 45 8.57 13.19 -18.65
N THR A 46 9.74 13.83 -18.58
CA THR A 46 10.27 14.67 -19.65
C THR A 46 11.44 14.03 -20.39
N THR A 47 12.07 12.97 -19.85
CA THR A 47 13.22 12.37 -20.49
C THR A 47 12.82 11.43 -21.64
N LYS A 48 11.53 11.28 -21.88
CA LYS A 48 11.00 10.80 -23.16
C LYS A 48 9.64 11.46 -23.32
N ARG A 49 9.21 11.66 -24.57
N ARG A 49 9.17 11.57 -24.56
CA ARG A 49 7.90 12.26 -24.78
CA ARG A 49 7.83 12.09 -24.80
C ARG A 49 6.80 11.30 -24.38
C ARG A 49 6.80 11.04 -24.39
N CYS A 50 5.96 11.73 -23.45
N CYS A 50 5.88 11.43 -23.51
CA CYS A 50 4.81 10.97 -22.99
CA CYS A 50 4.80 10.58 -23.04
C CYS A 50 3.55 11.76 -23.31
C CYS A 50 3.45 11.00 -23.62
N HIS A 51 2.64 11.16 -24.08
N HIS A 51 2.57 10.02 -23.84
CA HIS A 51 1.45 11.88 -24.54
CA HIS A 51 1.28 10.22 -24.51
C HIS A 51 0.38 11.84 -23.45
C HIS A 51 0.21 10.66 -23.50
N LEU A 52 0.05 13.01 -22.93
N LEU A 52 0.19 11.97 -23.20
CA LEU A 52 -0.95 13.11 -21.88
CA LEU A 52 -0.67 12.49 -22.15
C LEU A 52 -2.32 12.65 -22.35
C LEU A 52 -2.15 12.28 -22.43
N ARG A 53 -2.57 12.51 -23.67
CA ARG A 53 -3.96 12.28 -24.04
C ARG A 53 -4.46 10.89 -23.61
N SER A 54 -3.62 9.83 -23.73
CA SER A 54 -4.05 8.51 -23.26
C SER A 54 -4.22 8.48 -21.75
N ILE A 55 -3.36 9.19 -21.02
CA ILE A 55 -3.44 9.24 -19.57
C ILE A 55 -4.75 9.88 -19.13
N ILE A 56 -5.10 11.03 -19.72
CA ILE A 56 -6.33 11.73 -19.36
C ILE A 56 -7.54 10.85 -19.67
N HIS A 57 -7.60 10.31 -20.90
CA HIS A 57 -8.78 9.50 -21.25
C HIS A 57 -8.90 8.26 -20.37
N GLU A 58 -7.78 7.60 -20.04
CA GLU A 58 -7.86 6.43 -19.17
C GLU A 58 -8.44 6.81 -17.80
N LEU A 59 -8.03 7.96 -17.24
CA LEU A 59 -8.54 8.37 -15.94
C LEU A 59 -10.02 8.71 -16.00
N LEU A 60 -10.44 9.45 -17.04
CA LEU A 60 -11.87 9.76 -17.17
C LEU A 60 -12.69 8.49 -17.27
N TRP A 61 -12.17 7.50 -18.01
CA TRP A 61 -12.78 6.18 -18.18
C TRP A 61 -12.92 5.46 -16.83
N PHE A 62 -11.84 5.41 -16.04
CA PHE A 62 -11.94 4.87 -14.68
C PHE A 62 -13.04 5.57 -13.88
N LEU A 63 -13.06 6.90 -13.92
CA LEU A 63 -14.01 7.65 -13.11
C LEU A 63 -15.45 7.44 -13.52
N GLN A 64 -15.70 7.09 -14.78
CA GLN A 64 -17.03 6.74 -15.23
C GLN A 64 -17.45 5.36 -14.75
N GLY A 65 -16.52 4.53 -14.27
CA GLY A 65 -16.84 3.17 -13.88
C GLY A 65 -16.78 2.19 -15.02
N ASP A 66 -16.16 2.55 -16.14
CA ASP A 66 -16.15 1.72 -17.34
C ASP A 66 -14.95 0.76 -17.28
N THR A 67 -15.16 -0.44 -17.89
CA THR A 67 -14.15 -1.49 -18.00
C THR A 67 -14.13 -2.11 -19.39
N ASN A 68 -14.76 -1.47 -20.38
CA ASN A 68 -14.72 -1.92 -21.77
C ASN A 68 -13.96 -0.87 -22.60
N ILE A 69 -13.14 -1.33 -23.56
CA ILE A 69 -12.26 -0.41 -24.29
C ILE A 69 -12.96 0.43 -25.36
N ALA A 70 -14.27 0.25 -25.60
CA ALA A 70 -14.93 1.02 -26.65
C ALA A 70 -14.71 2.53 -26.49
N TYR A 71 -14.88 3.07 -25.27
CA TYR A 71 -14.67 4.50 -25.05
C TYR A 71 -13.24 4.91 -25.39
N LEU A 72 -12.27 4.07 -25.02
CA LEU A 72 -10.87 4.37 -25.35
C LEU A 72 -10.68 4.42 -26.87
N HIS A 73 -11.27 3.47 -27.61
CA HIS A 73 -11.14 3.47 -29.07
C HIS A 73 -11.83 4.69 -29.69
N GLU A 74 -12.97 5.12 -29.14
CA GLU A 74 -13.62 6.32 -29.64
C GLU A 74 -12.67 7.51 -29.58
N ASN A 75 -11.70 7.46 -28.68
CA ASN A 75 -10.74 8.53 -28.46
C ASN A 75 -9.32 8.15 -28.89
N ASN A 76 -9.19 7.12 -29.72
CA ASN A 76 -7.90 6.71 -30.30
C ASN A 76 -6.87 6.39 -29.22
N VAL A 77 -7.30 5.65 -28.20
CA VAL A 77 -6.43 5.20 -27.11
C VAL A 77 -6.42 3.68 -27.13
N THR A 78 -5.23 3.11 -27.29
CA THR A 78 -5.05 1.67 -27.55
C THR A 78 -4.31 0.95 -26.42
N ILE A 79 -4.08 1.60 -25.28
CA ILE A 79 -3.23 1.02 -24.24
C ILE A 79 -3.76 -0.24 -23.59
N TRP A 80 -5.06 -0.53 -23.67
CA TRP A 80 -5.65 -1.71 -23.03
C TRP A 80 -5.99 -2.83 -24.03
N ASP A 81 -5.60 -2.68 -25.30
CA ASP A 81 -6.08 -3.59 -26.33
C ASP A 81 -5.68 -5.04 -26.07
N GLU A 82 -4.45 -5.28 -25.62
CA GLU A 82 -3.90 -6.63 -25.59
C GLU A 82 -4.57 -7.54 -24.59
N TRP A 83 -5.36 -7.03 -23.64
CA TRP A 83 -5.95 -7.85 -22.59
C TRP A 83 -7.46 -7.95 -22.69
N ALA A 84 -8.09 -7.18 -23.58
CA ALA A 84 -9.54 -7.19 -23.71
C ALA A 84 -10.01 -8.43 -24.45
N ASP A 85 -11.21 -8.88 -24.14
CA ASP A 85 -11.80 -10.00 -24.85
C ASP A 85 -12.38 -9.55 -26.19
N GLU A 86 -13.02 -10.49 -26.90
CA GLU A 86 -13.51 -10.21 -28.25
C GLU A 86 -14.56 -9.11 -28.29
N ASN A 87 -15.19 -8.79 -27.16
CA ASN A 87 -16.18 -7.73 -27.09
C ASN A 87 -15.62 -6.46 -26.49
N GLY A 88 -14.32 -6.42 -26.19
CA GLY A 88 -13.70 -5.25 -25.61
C GLY A 88 -13.68 -5.22 -24.10
N ASP A 89 -14.11 -6.28 -23.43
N ASP A 89 -14.17 -6.28 -23.44
CA ASP A 89 -14.26 -6.27 -21.99
CA ASP A 89 -14.30 -6.33 -21.98
C ASP A 89 -13.01 -6.73 -21.25
C ASP A 89 -12.97 -6.67 -21.31
N LEU A 90 -12.70 -6.03 -20.17
CA LEU A 90 -11.59 -6.38 -19.29
C LEU A 90 -12.07 -7.05 -18.00
N GLY A 91 -13.38 -7.15 -17.76
CA GLY A 91 -13.85 -7.63 -16.49
C GLY A 91 -13.82 -6.51 -15.47
N PRO A 92 -14.04 -6.89 -14.17
CA PRO A 92 -14.30 -5.85 -13.13
C PRO A 92 -13.02 -5.23 -12.56
N VAL A 93 -12.28 -4.57 -13.45
CA VAL A 93 -11.02 -3.91 -13.14
C VAL A 93 -11.30 -2.53 -12.55
N TYR A 94 -10.31 -1.64 -12.59
CA TYR A 94 -10.28 -0.43 -11.77
C TYR A 94 -11.60 0.32 -11.76
N GLY A 95 -12.12 0.71 -12.93
CA GLY A 95 -13.29 1.57 -12.94
C GLY A 95 -14.45 0.97 -12.16
N LYS A 96 -14.68 -0.33 -12.35
CA LYS A 96 -15.77 -0.99 -11.67
C LYS A 96 -15.58 -0.98 -10.15
N GLN A 97 -14.38 -1.32 -9.67
CA GLN A 97 -14.19 -1.34 -8.21
C GLN A 97 -14.23 0.06 -7.62
N TRP A 98 -13.71 1.06 -8.35
CA TRP A 98 -13.73 2.43 -7.84
C TRP A 98 -15.15 2.93 -7.63
N ARG A 99 -16.06 2.63 -8.57
CA ARG A 99 -17.41 3.20 -8.57
C ARG A 99 -18.48 2.30 -7.99
N ALA A 100 -18.23 0.98 -7.90
CA ALA A 100 -19.29 0.02 -7.61
C ALA A 100 -18.68 -1.29 -7.09
N TRP A 101 -17.90 -1.21 -6.02
CA TRP A 101 -17.38 -2.41 -5.36
C TRP A 101 -18.54 -3.26 -4.86
N PRO A 102 -18.71 -4.53 -5.30
CA PRO A 102 -19.86 -5.32 -4.83
C PRO A 102 -19.63 -5.90 -3.44
N THR A 103 -20.64 -5.78 -2.58
CA THR A 103 -20.55 -6.29 -1.21
C THR A 103 -21.21 -7.65 -1.11
N PRO A 104 -21.06 -8.34 0.02
CA PRO A 104 -21.67 -9.67 0.14
C PRO A 104 -23.18 -9.66 0.24
N ASP A 105 -23.79 -8.56 0.65
CA ASP A 105 -25.24 -8.50 0.81
C ASP A 105 -25.92 -7.77 -0.31
N GLY A 106 -25.27 -7.64 -1.48
CA GLY A 106 -25.93 -7.15 -2.65
C GLY A 106 -25.82 -5.66 -2.89
N ARG A 107 -25.08 -4.94 -2.05
CA ARG A 107 -24.83 -3.52 -2.23
C ARG A 107 -23.64 -3.32 -3.16
N HIS A 108 -23.46 -2.08 -3.61
CA HIS A 108 -22.28 -1.65 -4.33
C HIS A 108 -21.83 -0.35 -3.71
N ILE A 109 -20.51 -0.22 -3.53
N ILE A 109 -20.52 -0.20 -3.49
CA ILE A 109 -19.91 0.94 -2.85
CA ILE A 109 -19.97 0.98 -2.83
C ILE A 109 -19.22 1.80 -3.90
C ILE A 109 -19.19 1.81 -3.84
N ASP A 110 -19.61 3.08 -3.96
CA ASP A 110 -18.93 4.07 -4.79
C ASP A 110 -17.84 4.68 -3.92
N GLN A 111 -16.63 4.14 -4.07
CA GLN A 111 -15.52 4.56 -3.23
C GLN A 111 -15.06 5.97 -3.56
N ILE A 112 -15.22 6.42 -4.81
CA ILE A 112 -14.81 7.78 -5.17
C ILE A 112 -15.71 8.81 -4.48
N THR A 113 -17.03 8.60 -4.57
CA THR A 113 -17.95 9.48 -3.84
C THR A 113 -17.68 9.42 -2.35
N THR A 114 -17.40 8.22 -1.82
CA THR A 114 -17.13 8.08 -0.39
C THR A 114 -15.94 8.94 0.03
N VAL A 115 -14.83 8.83 -0.71
N VAL A 115 -14.82 8.86 -0.71
CA VAL A 115 -13.65 9.62 -0.40
CA VAL A 115 -13.65 9.63 -0.30
C VAL A 115 -13.96 11.10 -0.42
C VAL A 115 -13.87 11.13 -0.48
N LEU A 116 -14.64 11.57 -1.48
CA LEU A 116 -14.94 12.98 -1.57
C LEU A 116 -15.72 13.45 -0.36
N ASN A 117 -16.73 12.68 0.06
CA ASN A 117 -17.48 13.08 1.24
C ASN A 117 -16.63 13.05 2.50
N GLN A 118 -15.72 12.08 2.63
CA GLN A 118 -14.82 12.06 3.79
C GLN A 118 -13.91 13.28 3.79
N LEU A 119 -13.36 13.66 2.64
CA LEU A 119 -12.48 14.81 2.61
C LEU A 119 -13.22 16.09 2.98
N LYS A 120 -14.48 16.20 2.57
CA LYS A 120 -15.25 17.40 2.86
C LYS A 120 -15.71 17.45 4.32
N ASN A 121 -16.05 16.29 4.90
CA ASN A 121 -16.70 16.24 6.20
C ASN A 121 -15.78 15.82 7.34
N ASP A 122 -14.72 15.09 7.06
CA ASP A 122 -13.85 14.57 8.11
C ASP A 122 -12.46 14.32 7.54
N PRO A 123 -11.76 15.38 7.13
CA PRO A 123 -10.44 15.19 6.49
C PRO A 123 -9.36 14.62 7.39
N ASP A 124 -9.50 14.66 8.73
CA ASP A 124 -8.57 13.99 9.63
C ASP A 124 -8.89 12.51 9.81
N SER A 125 -9.91 12.00 9.15
CA SER A 125 -10.10 10.57 9.12
C SER A 125 -8.85 9.88 8.57
N ARG A 126 -8.53 8.73 9.14
CA ARG A 126 -7.43 7.90 8.68
C ARG A 126 -7.89 6.78 7.78
N ARG A 127 -9.15 6.85 7.33
CA ARG A 127 -9.81 5.79 6.57
C ARG A 127 -10.19 6.24 5.15
N ILE A 128 -9.51 7.24 4.61
CA ILE A 128 -9.92 7.84 3.32
C ILE A 128 -9.20 7.06 2.22
N ILE A 129 -9.81 5.94 1.82
N ILE A 129 -9.79 5.89 1.87
CA ILE A 129 -9.12 4.92 1.05
CA ILE A 129 -9.15 4.80 1.12
C ILE A 129 -9.98 4.44 -0.10
C ILE A 129 -9.99 4.47 -0.10
N VAL A 130 -9.32 4.15 -1.21
CA VAL A 130 -9.92 3.44 -2.34
C VAL A 130 -9.11 2.17 -2.57
N SER A 131 -9.78 1.02 -2.67
CA SER A 131 -9.11 -0.23 -3.04
C SER A 131 -9.68 -0.79 -4.34
N ALA A 132 -8.79 -1.17 -5.25
CA ALA A 132 -9.18 -1.94 -6.43
C ALA A 132 -9.03 -3.44 -6.22
N TRP A 133 -8.46 -3.85 -5.08
CA TRP A 133 -8.10 -5.25 -4.83
C TRP A 133 -9.31 -5.97 -4.21
N ASN A 134 -10.28 -6.31 -5.07
CA ASN A 134 -11.48 -7.02 -4.66
C ASN A 134 -11.18 -8.51 -4.85
N VAL A 135 -10.80 -9.16 -3.75
CA VAL A 135 -10.31 -10.54 -3.80
C VAL A 135 -11.31 -11.44 -4.51
N GLY A 136 -12.59 -11.26 -4.22
CA GLY A 136 -13.64 -12.11 -4.74
C GLY A 136 -13.92 -11.93 -6.21
N GLU A 137 -13.34 -10.92 -6.87
CA GLU A 137 -13.54 -10.70 -8.30
C GLU A 137 -12.25 -10.79 -9.10
N LEU A 138 -11.12 -11.07 -8.48
CA LEU A 138 -9.84 -11.14 -9.19
C LEU A 138 -9.90 -12.11 -10.37
N ASP A 139 -10.58 -13.25 -10.20
CA ASP A 139 -10.58 -14.27 -11.25
C ASP A 139 -11.36 -13.88 -12.48
N LYS A 140 -12.15 -12.81 -12.42
CA LYS A 140 -12.90 -12.30 -13.55
C LYS A 140 -12.14 -11.18 -14.28
N MET A 141 -11.06 -10.68 -13.70
CA MET A 141 -10.33 -9.56 -14.27
C MET A 141 -9.31 -10.04 -15.30
N ALA A 142 -9.15 -9.28 -16.38
CA ALA A 142 -8.20 -9.68 -17.42
C ALA A 142 -6.76 -9.62 -16.91
N LEU A 143 -6.50 -8.73 -15.96
N LEU A 143 -6.45 -8.62 -16.09
CA LEU A 143 -5.18 -8.47 -15.41
CA LEU A 143 -5.19 -8.56 -15.36
C LEU A 143 -5.42 -8.02 -13.98
C LEU A 143 -5.52 -8.17 -13.94
N ALA A 144 -4.67 -8.56 -13.01
CA ALA A 144 -4.87 -8.16 -11.63
C ALA A 144 -4.52 -6.68 -11.46
N PRO A 145 -5.17 -5.98 -10.52
CA PRO A 145 -4.90 -4.53 -10.36
C PRO A 145 -3.42 -4.26 -10.04
N CYS A 146 -2.80 -3.36 -10.79
CA CYS A 146 -1.40 -2.98 -10.58
C CYS A 146 -1.34 -1.88 -9.54
N HIS A 147 -2.01 -0.76 -9.81
CA HIS A 147 -2.25 0.32 -8.85
C HIS A 147 -3.42 -0.13 -8.00
N ALA A 148 -3.12 -0.67 -6.81
CA ALA A 148 -4.06 -1.53 -6.11
C ALA A 148 -4.84 -0.86 -4.98
N PHE A 149 -4.27 0.13 -4.32
CA PHE A 149 -4.77 0.59 -3.03
C PHE A 149 -4.24 2.00 -2.84
N PHE A 150 -5.11 2.97 -2.55
CA PHE A 150 -4.63 4.34 -2.37
C PHE A 150 -5.38 5.06 -1.26
N GLN A 151 -4.73 6.07 -0.70
CA GLN A 151 -5.17 6.76 0.49
C GLN A 151 -4.96 8.26 0.35
N PHE A 152 -5.91 9.05 0.84
CA PHE A 152 -5.81 10.50 0.87
C PHE A 152 -5.55 11.01 2.28
N TYR A 153 -5.03 12.24 2.33
CA TYR A 153 -4.59 12.89 3.56
C TYR A 153 -4.65 14.39 3.34
N VAL A 154 -5.00 15.14 4.39
CA VAL A 154 -5.08 16.60 4.31
C VAL A 154 -4.32 17.22 5.46
N ALA A 155 -3.42 18.16 5.15
CA ALA A 155 -2.76 18.95 6.17
C ALA A 155 -2.40 20.30 5.57
N ASP A 156 -2.51 21.35 6.38
N ASP A 156 -2.53 21.35 6.38
CA ASP A 156 -2.15 22.69 5.93
CA ASP A 156 -2.18 22.71 5.98
C ASP A 156 -2.87 23.07 4.64
C ASP A 156 -2.90 23.13 4.68
N GLY A 157 -4.13 22.66 4.52
CA GLY A 157 -4.94 23.04 3.39
C GLY A 157 -4.60 22.33 2.10
N LYS A 158 -3.76 21.31 2.13
CA LYS A 158 -3.27 20.60 0.95
C LYS A 158 -3.71 19.14 0.97
N LEU A 159 -4.13 18.65 -0.19
CA LEU A 159 -4.50 17.26 -0.40
C LEU A 159 -3.30 16.45 -0.90
N SER A 160 -2.97 15.38 -0.17
CA SER A 160 -1.98 14.41 -0.60
C SER A 160 -2.64 13.07 -0.86
N CYS A 161 -1.92 12.20 -1.58
CA CYS A 161 -2.38 10.86 -1.90
C CYS A 161 -1.18 9.93 -1.90
N GLN A 162 -1.33 8.74 -1.32
CA GLN A 162 -0.34 7.68 -1.42
C GLN A 162 -0.94 6.48 -2.14
N LEU A 163 -0.22 5.98 -3.15
CA LEU A 163 -0.59 4.76 -3.86
C LEU A 163 0.34 3.63 -3.47
N TYR A 164 -0.25 2.44 -3.21
CA TYR A 164 0.48 1.18 -3.15
C TYR A 164 0.30 0.48 -4.51
N GLN A 165 1.38 0.43 -5.28
CA GLN A 165 1.40 -0.20 -6.59
C GLN A 165 2.11 -1.54 -6.44
N ARG A 166 1.32 -2.62 -6.39
CA ARG A 166 1.85 -3.94 -6.08
C ARG A 166 2.77 -4.49 -7.19
N SER A 167 2.62 -4.00 -8.42
CA SER A 167 3.41 -4.45 -9.55
C SER A 167 3.60 -3.25 -10.46
N CYS A 168 4.86 -3.00 -10.85
CA CYS A 168 5.20 -1.80 -11.61
C CYS A 168 6.19 -2.09 -12.72
N ASP A 169 5.73 -1.94 -13.95
CA ASP A 169 6.57 -1.90 -15.16
C ASP A 169 7.15 -0.49 -15.20
N VAL A 170 8.40 -0.35 -14.77
CA VAL A 170 8.98 0.97 -14.57
C VAL A 170 9.05 1.76 -15.88
N PHE A 171 9.46 1.12 -16.98
CA PHE A 171 9.64 1.85 -18.24
C PHE A 171 8.29 2.29 -18.84
N LEU A 172 7.37 1.35 -19.07
CA LEU A 172 6.13 1.68 -19.77
C LEU A 172 5.03 2.17 -18.85
N GLY A 173 4.78 1.48 -17.74
CA GLY A 173 3.60 1.77 -16.95
C GLY A 173 3.77 2.93 -16.01
N LEU A 174 4.89 2.98 -15.30
CA LEU A 174 5.04 3.96 -14.22
C LEU A 174 4.87 5.42 -14.67
N PRO A 175 5.36 5.86 -15.84
CA PRO A 175 5.10 7.27 -16.21
C PRO A 175 3.60 7.59 -16.29
N PHE A 176 2.81 6.61 -16.76
CA PHE A 176 1.37 6.76 -16.81
C PHE A 176 0.76 6.79 -15.41
N ASN A 177 1.16 5.84 -14.56
CA ASN A 177 0.60 5.77 -13.20
C ASN A 177 0.88 7.05 -12.41
N ILE A 178 2.10 7.60 -12.49
CA ILE A 178 2.41 8.82 -11.73
C ILE A 178 1.52 9.97 -12.21
N ALA A 179 1.47 10.18 -13.53
CA ALA A 179 0.69 11.29 -14.07
C ALA A 179 -0.79 11.12 -13.79
N SER A 180 -1.29 9.90 -13.87
CA SER A 180 -2.71 9.65 -13.65
C SER A 180 -3.13 10.04 -12.23
N TYR A 181 -2.39 9.55 -11.23
CA TYR A 181 -2.72 9.89 -9.85
C TYR A 181 -2.50 11.36 -9.55
N ALA A 182 -1.48 11.98 -10.15
CA ALA A 182 -1.32 13.42 -9.98
C ALA A 182 -2.53 14.17 -10.51
N LEU A 183 -3.04 13.77 -11.68
N LEU A 183 -3.02 13.82 -11.71
CA LEU A 183 -4.22 14.41 -12.23
CA LEU A 183 -4.25 14.41 -12.24
C LEU A 183 -5.43 14.21 -11.32
C LEU A 183 -5.39 14.23 -11.25
N LEU A 184 -5.59 13.00 -10.78
CA LEU A 184 -6.68 12.73 -9.85
C LEU A 184 -6.59 13.60 -8.60
N VAL A 185 -5.39 13.78 -8.05
CA VAL A 185 -5.23 14.66 -6.88
C VAL A 185 -5.68 16.08 -7.23
N HIS A 186 -5.25 16.61 -8.38
CA HIS A 186 -5.70 17.95 -8.77
C HIS A 186 -7.22 18.03 -8.87
N MET A 187 -7.85 17.04 -9.49
CA MET A 187 -9.30 17.04 -9.66
C MET A 187 -10.02 16.99 -8.31
N MET A 188 -9.59 16.09 -7.44
N MET A 188 -9.57 16.05 -7.46
CA MET A 188 -10.25 16.01 -6.14
CA MET A 188 -10.15 15.90 -6.12
C MET A 188 -10.00 17.26 -5.33
C MET A 188 -9.95 17.16 -5.30
N ALA A 189 -8.77 17.78 -5.37
CA ALA A 189 -8.49 19.00 -4.64
C ALA A 189 -9.40 20.13 -5.12
N GLN A 190 -9.63 20.22 -6.42
N GLN A 190 -9.58 20.25 -6.44
CA GLN A 190 -10.49 21.28 -6.93
CA GLN A 190 -10.50 21.25 -6.99
C GLN A 190 -11.91 21.10 -6.41
C GLN A 190 -11.88 21.10 -6.37
N GLN A 191 -12.40 19.88 -6.38
CA GLN A 191 -13.75 19.62 -5.90
C GLN A 191 -13.90 19.90 -4.41
N CYS A 192 -12.80 19.81 -3.65
CA CYS A 192 -12.81 20.05 -2.22
C CYS A 192 -12.30 21.42 -1.80
N ASP A 193 -12.00 22.31 -2.74
CA ASP A 193 -11.46 23.63 -2.41
C ASP A 193 -10.15 23.54 -1.63
N LEU A 194 -9.33 22.55 -1.97
CA LEU A 194 -8.02 22.36 -1.36
C LEU A 194 -6.92 22.69 -2.35
N GLU A 195 -5.74 22.98 -1.83
CA GLU A 195 -4.53 23.06 -2.65
C GLU A 195 -3.94 21.67 -2.82
N VAL A 196 -2.97 21.52 -3.73
CA VAL A 196 -2.35 20.21 -3.94
C VAL A 196 -1.12 20.03 -3.06
N GLY A 197 -1.01 18.83 -2.51
CA GLY A 197 0.09 18.41 -1.66
C GLY A 197 1.03 17.52 -2.41
N ASP A 198 1.35 16.36 -1.83
CA ASP A 198 2.27 15.39 -2.41
C ASP A 198 1.51 14.20 -2.98
N PHE A 199 2.05 13.66 -4.07
CA PHE A 199 1.73 12.29 -4.48
C PHE A 199 2.89 11.41 -4.00
N VAL A 200 2.59 10.46 -3.12
CA VAL A 200 3.55 9.50 -2.58
C VAL A 200 3.34 8.19 -3.30
N TRP A 201 4.39 7.72 -3.98
CA TRP A 201 4.33 6.47 -4.74
C TRP A 201 5.10 5.40 -3.99
N THR A 202 4.43 4.29 -3.69
CA THR A 202 5.05 3.12 -3.04
C THR A 202 4.90 1.91 -3.96
N GLY A 203 6.00 1.18 -4.15
CA GLY A 203 6.03 0.03 -5.01
C GLY A 203 6.23 -1.28 -4.27
N GLY A 204 5.58 -2.33 -4.80
CA GLY A 204 5.82 -3.71 -4.46
C GLY A 204 6.90 -4.27 -5.36
N ASP A 205 6.54 -5.23 -6.24
CA ASP A 205 7.48 -5.77 -7.23
C ASP A 205 7.66 -4.71 -8.31
N THR A 206 8.80 -4.03 -8.26
CA THR A 206 9.11 -2.86 -9.07
C THR A 206 10.22 -3.30 -10.03
N HIS A 207 9.91 -3.36 -11.33
CA HIS A 207 10.76 -4.09 -12.24
C HIS A 207 10.96 -3.39 -13.59
N LEU A 208 12.08 -3.71 -14.21
CA LEU A 208 12.38 -3.39 -15.59
C LEU A 208 12.33 -4.69 -16.40
N TYR A 209 11.54 -4.72 -17.46
CA TYR A 209 11.54 -5.89 -18.32
C TYR A 209 12.88 -6.05 -19.03
N SER A 210 13.23 -7.31 -19.28
CA SER A 210 14.53 -7.62 -19.85
C SER A 210 14.70 -7.05 -21.25
N ASN A 211 13.60 -6.81 -21.97
CA ASN A 211 13.61 -6.21 -23.29
C ASN A 211 13.37 -4.70 -23.27
N HIS A 212 13.54 -4.06 -22.11
CA HIS A 212 13.51 -2.60 -21.98
C HIS A 212 14.86 -2.02 -21.57
N MET A 213 15.94 -2.82 -21.54
CA MET A 213 17.20 -2.36 -20.96
C MET A 213 17.91 -1.32 -21.83
N ASP A 214 17.93 -1.50 -23.15
CA ASP A 214 18.58 -0.49 -23.98
C ASP A 214 17.82 0.84 -23.92
N GLN A 215 16.47 0.77 -23.91
CA GLN A 215 15.64 1.96 -23.80
C GLN A 215 15.87 2.68 -22.48
N THR A 216 15.96 1.92 -21.39
CA THR A 216 16.17 2.48 -20.06
C THR A 216 17.50 3.23 -20.00
N HIS A 217 18.58 2.62 -20.51
CA HIS A 217 19.88 3.28 -20.44
C HIS A 217 19.95 4.49 -21.37
N LEU A 218 19.24 4.45 -22.51
N LEU A 218 19.28 4.44 -22.53
CA LEU A 218 19.16 5.65 -23.33
CA LEU A 218 19.12 5.64 -23.35
C LEU A 218 18.48 6.78 -22.56
C LEU A 218 18.52 6.76 -22.51
N GLN A 219 17.40 6.47 -21.85
CA GLN A 219 16.70 7.50 -21.09
C GLN A 219 17.56 8.04 -19.96
N LEU A 220 18.30 7.17 -19.27
CA LEU A 220 19.16 7.57 -18.15
C LEU A 220 20.29 8.48 -18.58
N SER A 221 20.61 8.54 -19.86
CA SER A 221 21.66 9.44 -20.35
C SER A 221 21.19 10.87 -20.48
N ARG A 222 19.89 11.15 -20.27
CA ARG A 222 19.29 12.44 -20.56
C ARG A 222 19.01 13.24 -19.29
N GLU A 223 19.08 14.54 -19.42
N GLU A 223 19.11 14.56 -19.41
CA GLU A 223 18.84 15.42 -18.27
CA GLU A 223 18.82 15.47 -18.30
C GLU A 223 17.36 15.83 -18.22
C GLU A 223 17.33 15.79 -18.24
N PRO A 224 16.68 15.65 -17.09
CA PRO A 224 15.28 16.11 -16.98
C PRO A 224 15.13 17.57 -17.35
N ARG A 225 14.04 17.87 -18.01
CA ARG A 225 13.60 19.22 -18.37
C ARG A 225 12.71 19.76 -17.26
N PRO A 226 12.41 21.06 -17.27
CA PRO A 226 11.48 21.59 -16.27
C PRO A 226 10.16 20.83 -16.27
N LEU A 227 9.59 20.65 -15.09
CA LEU A 227 8.27 20.04 -15.03
C LEU A 227 7.27 20.94 -15.75
N PRO A 228 6.31 20.36 -16.48
CA PRO A 228 5.23 21.16 -17.05
C PRO A 228 4.25 21.60 -15.97
N LYS A 229 3.25 22.40 -16.35
N LYS A 229 3.25 22.39 -16.36
CA LYS A 229 2.28 22.95 -15.41
CA LYS A 229 2.26 22.96 -15.45
C LYS A 229 0.87 22.57 -15.86
C LYS A 229 0.88 22.50 -15.89
N LEU A 230 0.05 22.09 -14.94
CA LEU A 230 -1.32 21.68 -15.22
C LEU A 230 -2.30 22.82 -14.94
N ILE A 231 -3.11 23.16 -15.94
CA ILE A 231 -4.16 24.18 -15.85
C ILE A 231 -5.52 23.52 -16.05
N ILE A 232 -6.40 23.67 -15.07
CA ILE A 232 -7.78 23.21 -15.18
C ILE A 232 -8.68 24.42 -15.42
N LYS A 233 -9.55 24.34 -16.43
CA LYS A 233 -10.20 25.53 -16.99
C LYS A 233 -11.64 25.73 -16.50
N ARG A 234 -12.14 24.84 -15.65
CA ARG A 234 -13.53 24.82 -15.23
C ARG A 234 -13.60 24.05 -13.93
N LYS A 235 -14.58 24.38 -13.08
CA LYS A 235 -14.89 23.53 -11.92
C LYS A 235 -16.24 22.84 -12.17
N PRO A 236 -16.27 21.59 -12.64
CA PRO A 236 -17.54 20.89 -12.83
C PRO A 236 -18.27 20.69 -11.52
N GLU A 237 -19.55 20.36 -11.62
CA GLU A 237 -20.37 20.17 -10.43
C GLU A 237 -20.03 18.90 -9.67
N SER A 238 -19.38 17.93 -10.31
N SER A 238 -19.24 18.01 -10.28
CA SER A 238 -18.90 16.77 -9.57
CA SER A 238 -18.99 16.68 -9.77
C SER A 238 -17.61 16.28 -10.21
C SER A 238 -17.64 16.20 -10.29
N ILE A 239 -16.95 15.38 -9.48
CA ILE A 239 -15.71 14.74 -9.92
C ILE A 239 -15.91 13.88 -11.15
N PHE A 240 -17.16 13.53 -11.48
CA PHE A 240 -17.49 12.66 -12.60
C PHE A 240 -17.83 13.43 -13.87
N ASP A 241 -17.77 14.77 -13.82
CA ASP A 241 -18.24 15.60 -14.92
C ASP A 241 -17.12 16.35 -15.64
N TYR A 242 -15.87 15.93 -15.46
CA TYR A 242 -14.77 16.53 -16.22
C TYR A 242 -14.80 16.03 -17.66
N ARG A 243 -14.23 16.84 -18.53
CA ARG A 243 -14.04 16.53 -19.92
C ARG A 243 -12.58 16.71 -20.29
N PHE A 244 -12.18 16.06 -21.37
CA PHE A 244 -10.80 16.12 -21.82
C PHE A 244 -10.34 17.56 -21.99
N GLU A 245 -11.20 18.40 -22.56
CA GLU A 245 -10.85 19.79 -22.87
C GLU A 245 -10.74 20.67 -21.63
N ASP A 246 -11.09 20.17 -20.45
CA ASP A 246 -10.93 20.98 -19.24
C ASP A 246 -9.49 21.10 -18.78
N PHE A 247 -8.57 20.32 -19.35
CA PHE A 247 -7.18 20.24 -18.92
C PHE A 247 -6.25 20.77 -19.99
N GLU A 248 -5.24 21.49 -19.56
CA GLU A 248 -4.15 21.85 -20.45
C GLU A 248 -2.83 21.73 -19.72
N ILE A 249 -1.83 21.23 -20.43
N ILE A 249 -1.86 21.15 -20.39
CA ILE A 249 -0.47 21.07 -19.91
CA ILE A 249 -0.49 21.10 -19.88
C ILE A 249 0.42 22.08 -20.62
C ILE A 249 0.32 22.17 -20.61
N GLU A 250 0.99 22.99 -19.82
CA GLU A 250 1.83 24.08 -20.34
C GLU A 250 3.32 23.81 -20.12
N GLY A 251 4.16 24.21 -21.06
CA GLY A 251 5.59 24.14 -20.88
C GLY A 251 6.17 22.75 -20.91
N TYR A 252 5.50 21.80 -21.57
CA TYR A 252 6.04 20.43 -21.67
C TYR A 252 7.01 20.36 -22.85
N ASP A 253 8.27 20.09 -22.55
CA ASP A 253 9.35 20.15 -23.54
C ASP A 253 10.19 18.88 -23.44
N PRO A 254 9.61 17.74 -23.78
CA PRO A 254 10.30 16.47 -23.55
C PRO A 254 11.40 16.21 -24.57
N HIS A 255 12.33 15.35 -24.15
CA HIS A 255 13.25 14.68 -25.05
C HIS A 255 12.45 13.72 -25.95
N PRO A 256 13.07 13.19 -27.01
CA PRO A 256 12.29 12.38 -27.96
C PRO A 256 11.70 11.11 -27.34
N GLY A 257 10.57 10.68 -27.89
CA GLY A 257 10.01 9.41 -27.48
C GLY A 257 10.97 8.25 -27.66
N ILE A 258 10.78 7.21 -26.83
CA ILE A 258 11.57 5.98 -26.88
C ILE A 258 10.59 4.82 -26.92
N LYS A 259 10.56 4.08 -28.03
CA LYS A 259 9.61 2.99 -28.20
C LYS A 259 10.06 1.73 -27.46
N ALA A 260 9.11 1.01 -26.89
CA ALA A 260 9.40 -0.28 -26.28
C ALA A 260 8.16 -1.17 -26.32
N PRO A 261 8.34 -2.48 -26.46
CA PRO A 261 7.17 -3.39 -26.55
C PRO A 261 6.62 -3.76 -25.18
N VAL A 262 5.29 -3.85 -25.10
CA VAL A 262 4.64 -4.25 -23.85
C VAL A 262 4.62 -5.78 -23.74
N ALA A 263 4.78 -6.26 -22.51
CA ALA A 263 4.75 -7.69 -22.19
C ALA A 263 3.30 -8.09 -21.90
N ILE A 264 2.78 -9.06 -22.65
CA ILE A 264 1.36 -9.41 -22.61
C ILE A 264 1.07 -10.48 -21.55
N CXM B 1 14.56 0.32 18.00
CA CXM B 1 15.41 0.02 16.83
CB CXM B 1 14.70 -0.90 15.81
CG CXM B 1 14.34 -2.28 16.37
SD CXM B 1 13.53 -3.34 15.16
CE CXM B 1 11.86 -2.58 15.08
C CXM B 1 15.75 1.35 16.18
O CXM B 1 14.91 2.27 16.21
CN CXM B 1 14.64 -0.33 19.16
ON1 CXM B 1 13.97 0.10 20.12
ON2 CXM B 1 15.37 -1.35 19.28
HA CXM B 1 16.23 -0.44 17.13
HB2 CXM B 1 15.27 -1.02 15.05
HG2 CXM B 1 13.75 -2.17 17.13
HE1 CXM B 1 11.96 -1.67 14.79
HE2 CXM B 1 11.47 -2.61 15.96
HE3 CXM B 1 11.34 -3.07 14.46
N LYS B 2 16.87 1.41 15.51
CA LYS B 2 17.29 2.65 14.87
C LYS B 2 16.22 3.26 13.96
N GLN B 3 15.66 2.49 13.04
CA GLN B 3 14.68 3.06 12.13
C GLN B 3 13.39 3.45 12.85
N TYR B 4 13.02 2.69 13.89
CA TYR B 4 11.81 2.99 14.65
C TYR B 4 11.98 4.31 15.41
N LEU B 5 13.13 4.51 16.05
CA LEU B 5 13.39 5.74 16.79
C LEU B 5 13.52 6.94 15.86
N GLU B 6 14.09 6.74 14.67
CA GLU B 6 14.13 7.81 13.67
C GLU B 6 12.72 8.24 13.28
N LEU B 7 11.82 7.28 13.09
CA LEU B 7 10.43 7.60 12.78
C LEU B 7 9.76 8.35 13.93
N MET B 8 9.94 7.86 15.15
CA MET B 8 9.35 8.52 16.32
C MET B 8 9.81 9.99 16.38
N GLN B 9 11.12 10.21 16.22
CA GLN B 9 11.66 11.57 16.24
C GLN B 9 11.10 12.42 15.11
N LYS B 10 10.93 11.81 13.93
N LYS B 10 10.95 11.82 13.92
CA LYS B 10 10.38 12.53 12.79
CA LYS B 10 10.39 12.54 12.78
C LYS B 10 8.96 13.00 13.06
C LYS B 10 8.95 12.99 13.03
N VAL B 11 8.12 12.12 13.62
CA VAL B 11 6.76 12.54 13.93
C VAL B 11 6.77 13.72 14.90
N LEU B 12 7.61 13.65 15.94
N LEU B 12 7.64 13.65 15.91
CA LEU B 12 7.71 14.79 16.86
CA LEU B 12 7.73 14.72 16.89
C LEU B 12 8.10 16.05 16.11
C LEU B 12 8.20 16.03 16.26
N ASP B 13 9.14 15.95 15.30
CA ASP B 13 9.74 17.14 14.70
C ASP B 13 8.89 17.74 13.58
N GLU B 14 8.23 16.89 12.78
CA GLU B 14 7.59 17.28 11.54
C GLU B 14 6.10 17.06 11.53
N GLY B 15 5.57 16.30 12.47
CA GLY B 15 4.15 16.00 12.45
C GLY B 15 3.32 17.26 12.63
N THR B 16 2.13 17.24 12.05
CA THR B 16 1.17 18.31 12.27
C THR B 16 0.01 17.80 13.13
N GLN B 17 -0.66 18.74 13.78
N GLN B 17 -0.65 18.74 13.78
CA GLN B 17 -1.69 18.42 14.75
CA GLN B 17 -1.72 18.41 14.69
C GLN B 17 -2.99 18.01 14.03
C GLN B 17 -2.94 17.92 13.93
N LYS B 18 -3.57 16.89 14.45
CA LYS B 18 -4.81 16.34 13.91
C LYS B 18 -5.82 16.19 15.03
N ASN B 19 -7.09 16.40 14.69
CA ASN B 19 -8.22 16.12 15.59
C ASN B 19 -8.85 14.82 15.09
N ASP B 20 -8.41 13.70 15.65
CA ASP B 20 -8.71 12.38 15.15
C ASP B 20 -10.03 11.86 15.71
N ARG B 21 -10.42 10.70 15.19
CA ARG B 21 -11.62 9.97 15.57
C ARG B 21 -11.81 9.92 17.08
N THR B 22 -10.75 9.65 17.83
CA THR B 22 -10.87 9.41 19.26
C THR B 22 -11.02 10.69 20.07
N GLY B 23 -10.80 11.86 19.47
CA GLY B 23 -10.81 13.11 20.18
C GLY B 23 -9.57 13.42 20.98
N THR B 24 -8.60 12.51 21.00
CA THR B 24 -7.39 12.69 21.81
C THR B 24 -6.48 13.75 21.22
N GLY B 25 -6.37 13.77 19.89
CA GLY B 25 -5.40 14.59 19.21
C GLY B 25 -4.14 13.80 18.92
N THR B 26 -3.52 14.07 17.77
CA THR B 26 -2.25 13.46 17.42
C THR B 26 -1.33 14.48 16.75
N LEU B 27 -0.04 14.14 16.71
CA LEU B 27 0.91 14.65 15.72
C LEU B 27 1.03 13.58 14.65
N SER B 28 0.99 14.01 13.39
N SER B 28 0.92 13.97 13.37
CA SER B 28 0.87 13.07 12.27
CA SER B 28 0.89 12.99 12.29
C SER B 28 1.78 13.45 11.10
C SER B 28 1.72 13.42 11.09
N ILE B 29 2.36 12.44 10.46
CA ILE B 29 2.99 12.56 9.14
C ILE B 29 2.26 11.62 8.20
N PHE B 30 2.52 11.78 6.88
CA PHE B 30 1.88 10.94 5.87
C PHE B 30 2.93 10.39 4.92
N GLY B 31 3.04 9.06 4.89
CA GLY B 31 3.93 8.40 3.95
C GLY B 31 5.33 8.24 4.51
N HIS B 32 5.66 7.02 4.89
CA HIS B 32 6.98 6.68 5.41
C HIS B 32 7.25 5.23 5.06
N GLN B 33 8.53 4.85 5.01
CA GLN B 33 8.90 3.47 4.71
C GLN B 33 10.17 3.10 5.48
N MET B 34 10.19 1.86 5.98
CA MET B 34 11.33 1.28 6.70
C MET B 34 11.55 -0.12 6.16
N ARG B 35 12.77 -0.62 6.28
CA ARG B 35 13.12 -1.96 5.81
C ARG B 35 13.93 -2.68 6.88
N PHE B 36 13.52 -3.91 7.21
CA PHE B 36 14.19 -4.76 8.21
C PHE B 36 14.66 -6.01 7.51
N ASN B 37 15.97 -6.19 7.40
CA ASN B 37 16.52 -7.42 6.84
C ASN B 37 16.44 -8.45 7.96
N LEU B 38 15.59 -9.46 7.79
CA LEU B 38 15.32 -10.40 8.87
C LEU B 38 16.53 -11.29 9.16
N GLN B 39 17.51 -11.35 8.27
CA GLN B 39 18.74 -12.06 8.61
C GLN B 39 19.64 -11.25 9.53
N ASP B 40 19.36 -9.97 9.76
CA ASP B 40 20.10 -9.15 10.72
C ASP B 40 19.63 -9.36 12.14
N GLY B 41 18.49 -10.00 12.34
CA GLY B 41 17.91 -10.20 13.66
C GLY B 41 16.41 -9.99 13.62
N PHE B 42 15.75 -10.46 14.67
CA PHE B 42 14.30 -10.36 14.75
C PHE B 42 13.92 -8.96 15.22
N PRO B 43 13.09 -8.19 14.45
CA PRO B 43 12.89 -6.74 14.69
C PRO B 43 11.85 -6.48 15.77
N LEU B 44 12.24 -6.83 17.00
CA LEU B 44 11.46 -6.56 18.21
C LEU B 44 12.08 -5.36 18.93
N VAL B 45 11.30 -4.28 19.06
CA VAL B 45 11.77 -3.06 19.71
C VAL B 45 12.46 -3.38 21.04
N THR B 46 13.65 -2.81 21.24
CA THR B 46 14.46 -3.01 22.44
C THR B 46 14.45 -1.81 23.38
N THR B 47 13.99 -0.64 22.94
CA THR B 47 13.94 0.53 23.82
C THR B 47 12.74 0.56 24.76
N LYS B 48 11.90 -0.47 24.71
CA LYS B 48 10.99 -0.83 25.79
C LYS B 48 10.73 -2.33 25.65
N ARG B 49 10.37 -2.98 26.76
N ARG B 49 10.42 -3.00 26.77
CA ARG B 49 10.04 -4.41 26.70
CA ARG B 49 10.04 -4.41 26.66
C ARG B 49 8.65 -4.59 26.08
C ARG B 49 8.67 -4.51 26.02
N CYS B 50 8.60 -5.28 24.95
CA CYS B 50 7.33 -5.55 24.26
C CYS B 50 6.78 -6.90 24.69
N HIS B 51 5.45 -6.96 24.80
CA HIS B 51 4.75 -8.13 25.35
C HIS B 51 4.58 -9.20 24.26
N LEU B 52 5.56 -10.09 24.18
CA LEU B 52 5.57 -11.13 23.15
C LEU B 52 4.37 -12.06 23.22
N ARG B 53 3.90 -12.38 24.43
N ARG B 53 3.90 -12.38 24.42
CA ARG B 53 2.74 -13.24 24.56
CA ARG B 53 2.74 -13.24 24.55
C ARG B 53 1.56 -12.69 23.77
C ARG B 53 1.56 -12.68 23.78
N SER B 54 1.34 -11.37 23.87
CA SER B 54 0.22 -10.77 23.16
C SER B 54 0.45 -10.76 21.66
N ILE B 55 1.68 -10.44 21.23
CA ILE B 55 1.99 -10.41 19.79
C ILE B 55 1.75 -11.78 19.17
N ILE B 56 2.30 -12.83 19.78
CA ILE B 56 2.21 -14.18 19.20
C ILE B 56 0.76 -14.65 19.18
N HIS B 57 0.07 -14.57 20.32
CA HIS B 57 -1.31 -15.06 20.35
C HIS B 57 -2.21 -14.29 19.39
N GLU B 58 -2.00 -12.98 19.23
CA GLU B 58 -2.82 -12.24 18.28
C GLU B 58 -2.62 -12.78 16.86
N LEU B 59 -1.37 -13.07 16.48
CA LEU B 59 -1.14 -13.62 15.15
C LEU B 59 -1.75 -15.01 14.99
N LEU B 60 -1.62 -15.85 16.01
CA LEU B 60 -2.21 -17.18 15.93
C LEU B 60 -3.73 -17.10 15.79
N TRP B 61 -4.33 -16.12 16.48
CA TRP B 61 -5.76 -15.84 16.41
C TRP B 61 -6.18 -15.43 15.01
N PHE B 62 -5.43 -14.50 14.39
CA PHE B 62 -5.69 -14.14 12.99
C PHE B 62 -5.66 -15.38 12.11
N LEU B 63 -4.62 -16.21 12.26
CA LEU B 63 -4.46 -17.36 11.37
C LEU B 63 -5.58 -18.39 11.55
N GLN B 64 -6.20 -18.44 12.72
N GLN B 64 -6.19 -18.44 12.73
CA GLN B 64 -7.35 -19.32 12.89
CA GLN B 64 -7.36 -19.29 12.95
C GLN B 64 -8.64 -18.69 12.39
C GLN B 64 -8.60 -18.75 12.25
N GLY B 65 -8.59 -17.49 11.82
CA GLY B 65 -9.79 -16.89 11.26
C GLY B 65 -10.77 -16.39 12.29
N ASP B 66 -10.31 -16.17 13.52
CA ASP B 66 -11.16 -15.86 14.65
C ASP B 66 -11.20 -14.34 14.84
N THR B 67 -12.39 -13.83 15.19
CA THR B 67 -12.62 -12.42 15.43
C THR B 67 -13.32 -12.18 16.76
N ASN B 68 -13.42 -13.21 17.60
CA ASN B 68 -13.95 -13.07 18.94
C ASN B 68 -12.80 -13.15 19.95
N ILE B 69 -12.84 -12.32 21.01
CA ILE B 69 -11.69 -12.21 21.90
C ILE B 69 -11.58 -13.34 22.93
N ALA B 70 -12.50 -14.30 22.93
CA ALA B 70 -12.43 -15.37 23.94
C ALA B 70 -11.09 -16.10 23.89
N TYR B 71 -10.60 -16.43 22.69
CA TYR B 71 -9.31 -17.08 22.58
C TYR B 71 -8.20 -16.26 23.20
N LEU B 72 -8.22 -14.94 22.97
CA LEU B 72 -7.23 -14.06 23.59
C LEU B 72 -7.32 -14.12 25.11
N HIS B 73 -8.53 -14.07 25.66
CA HIS B 73 -8.70 -14.15 27.11
C HIS B 73 -8.22 -15.47 27.69
N GLU B 74 -8.44 -16.59 26.98
CA GLU B 74 -7.94 -17.88 27.43
C GLU B 74 -6.43 -17.85 27.61
N ASN B 75 -5.75 -16.93 26.92
CA ASN B 75 -4.30 -16.83 26.97
C ASN B 75 -3.84 -15.55 27.63
N ASN B 76 -4.73 -14.90 28.40
CA ASN B 76 -4.42 -13.70 29.18
C ASN B 76 -3.93 -12.55 28.32
N VAL B 77 -4.57 -12.36 27.17
CA VAL B 77 -4.25 -11.27 26.25
C VAL B 77 -5.47 -10.36 26.17
N THR B 78 -5.27 -9.08 26.48
CA THR B 78 -6.35 -8.12 26.65
C THR B 78 -6.29 -6.96 25.66
N ILE B 79 -5.43 -7.04 24.63
CA ILE B 79 -5.18 -5.91 23.74
C ILE B 79 -6.40 -5.50 22.91
N TRP B 80 -7.39 -6.36 22.72
CA TRP B 80 -8.57 -6.04 21.91
C TRP B 80 -9.82 -5.75 22.75
N ASP B 81 -9.69 -5.66 24.07
CA ASP B 81 -10.88 -5.60 24.93
C ASP B 81 -11.73 -4.36 24.66
N GLU B 82 -11.09 -3.21 24.42
CA GLU B 82 -11.80 -1.94 24.41
C GLU B 82 -12.75 -1.77 23.23
N TRP B 83 -12.66 -2.61 22.19
CA TRP B 83 -13.50 -2.46 21.00
C TRP B 83 -14.48 -3.62 20.82
N ALA B 84 -14.39 -4.66 21.62
CA ALA B 84 -15.29 -5.81 21.44
C ALA B 84 -16.67 -5.52 22.04
N ASP B 85 -17.70 -6.14 21.46
CA ASP B 85 -19.05 -6.00 21.99
C ASP B 85 -19.26 -6.91 23.19
N GLU B 86 -20.49 -6.93 23.70
CA GLU B 86 -20.78 -7.66 24.94
C GLU B 86 -20.57 -9.16 24.82
N ASN B 87 -20.55 -9.68 23.59
CA ASN B 87 -20.31 -11.10 23.36
C ASN B 87 -18.85 -11.40 23.02
N GLY B 88 -17.98 -10.40 23.03
CA GLY B 88 -16.60 -10.58 22.67
C GLY B 88 -16.31 -10.42 21.20
N ASP B 89 -17.28 -10.00 20.40
CA ASP B 89 -17.11 -9.95 18.95
C ASP B 89 -16.58 -8.60 18.48
N LEU B 90 -15.73 -8.64 17.46
CA LEU B 90 -15.21 -7.46 16.79
C LEU B 90 -15.78 -7.29 15.38
N GLY B 91 -16.60 -8.22 14.91
CA GLY B 91 -17.04 -8.20 13.54
C GLY B 91 -16.00 -8.80 12.61
N PRO B 92 -16.19 -8.63 11.28
CA PRO B 92 -15.36 -9.36 10.30
C PRO B 92 -14.02 -8.70 10.03
N VAL B 93 -13.21 -8.61 11.08
CA VAL B 93 -11.89 -7.99 11.07
C VAL B 93 -10.85 -9.00 10.55
N TYR B 94 -9.58 -8.75 10.86
CA TYR B 94 -8.46 -9.38 10.15
C TYR B 94 -8.67 -10.89 9.93
N GLY B 95 -8.89 -11.64 11.01
CA GLY B 95 -8.90 -13.09 10.87
C GLY B 95 -9.94 -13.58 9.87
N LYS B 96 -11.13 -12.98 9.89
CA LYS B 96 -12.17 -13.38 8.97
C LYS B 96 -11.76 -13.11 7.52
N GLN B 97 -11.19 -11.93 7.26
CA GLN B 97 -10.80 -11.61 5.89
C GLN B 97 -9.63 -12.46 5.42
N TRP B 98 -8.69 -12.76 6.31
CA TRP B 98 -7.53 -13.57 5.93
C TRP B 98 -7.96 -14.99 5.52
N ARG B 99 -8.93 -15.57 6.24
CA ARG B 99 -9.24 -16.99 6.07
C ARG B 99 -10.52 -17.26 5.29
N ALA B 100 -11.42 -16.29 5.19
CA ALA B 100 -12.75 -16.52 4.66
C ALA B 100 -13.32 -15.23 4.10
N TRP B 101 -12.59 -14.60 3.18
CA TRP B 101 -13.08 -13.44 2.46
C TRP B 101 -14.31 -13.85 1.67
N PRO B 102 -15.46 -13.23 1.92
CA PRO B 102 -16.66 -13.63 1.19
C PRO B 102 -16.74 -12.99 -0.21
N THR B 103 -17.03 -13.82 -1.23
CA THR B 103 -17.24 -13.30 -2.57
C THR B 103 -18.66 -12.75 -2.69
N PRO B 104 -18.98 -12.00 -3.75
CA PRO B 104 -20.36 -11.50 -3.88
C PRO B 104 -21.40 -12.59 -4.04
N ASP B 105 -21.02 -13.78 -4.50
CA ASP B 105 -21.95 -14.84 -4.85
C ASP B 105 -22.01 -15.96 -3.80
N GLY B 106 -21.50 -15.72 -2.61
CA GLY B 106 -21.67 -16.68 -1.53
C GLY B 106 -20.56 -17.68 -1.35
N ARG B 107 -19.44 -17.53 -2.06
CA ARG B 107 -18.28 -18.40 -1.87
C ARG B 107 -17.29 -17.72 -0.93
N HIS B 108 -16.16 -18.40 -0.67
CA HIS B 108 -15.08 -17.84 0.14
C HIS B 108 -13.72 -18.15 -0.48
N ILE B 109 -12.81 -17.23 -0.21
CA ILE B 109 -11.42 -17.36 -0.57
C ILE B 109 -10.63 -17.34 0.73
N ASP B 110 -9.79 -18.32 0.89
CA ASP B 110 -8.89 -18.38 2.02
C ASP B 110 -7.60 -17.78 1.50
N GLN B 111 -7.37 -16.51 1.83
CA GLN B 111 -6.20 -15.82 1.29
C GLN B 111 -4.91 -16.43 1.79
N ILE B 112 -4.88 -16.95 3.03
CA ILE B 112 -3.64 -17.53 3.52
C ILE B 112 -3.31 -18.83 2.79
N THR B 113 -4.30 -19.72 2.62
CA THR B 113 -4.06 -20.91 1.81
C THR B 113 -3.62 -20.55 0.39
N THR B 114 -4.24 -19.52 -0.19
CA THR B 114 -3.86 -19.09 -1.54
C THR B 114 -2.40 -18.67 -1.57
N VAL B 115 -1.97 -17.85 -0.60
CA VAL B 115 -0.60 -17.39 -0.57
C VAL B 115 0.39 -18.53 -0.43
N LEU B 116 0.10 -19.47 0.49
CA LEU B 116 1.00 -20.62 0.63
C LEU B 116 1.14 -21.37 -0.68
N ASN B 117 0.03 -21.58 -1.40
CA ASN B 117 0.09 -22.28 -2.66
C ASN B 117 0.79 -21.46 -3.74
N GLN B 118 0.64 -20.13 -3.73
CA GLN B 118 1.41 -19.28 -4.64
C GLN B 118 2.90 -19.37 -4.36
N LEU B 119 3.29 -19.30 -3.09
CA LEU B 119 4.71 -19.36 -2.78
C LEU B 119 5.32 -20.69 -3.22
N LYS B 120 4.57 -21.77 -3.09
CA LYS B 120 5.09 -23.10 -3.44
C LYS B 120 5.05 -23.38 -4.94
N ASN B 121 4.07 -22.85 -5.67
CA ASN B 121 3.86 -23.18 -7.08
C ASN B 121 4.23 -22.06 -8.03
N ASP B 122 4.15 -20.81 -7.59
CA ASP B 122 4.41 -19.66 -8.46
C ASP B 122 5.16 -18.59 -7.67
N PRO B 123 6.36 -18.91 -7.17
CA PRO B 123 7.08 -17.96 -6.31
C PRO B 123 7.44 -16.66 -6.99
N ASP B 124 7.53 -16.62 -8.32
CA ASP B 124 7.83 -15.40 -9.05
C ASP B 124 6.63 -14.47 -9.16
N SER B 125 5.45 -14.94 -8.77
CA SER B 125 4.23 -14.16 -8.95
C SER B 125 4.33 -12.78 -8.30
N ARG B 126 3.76 -11.80 -8.98
CA ARG B 126 3.63 -10.45 -8.47
C ARG B 126 2.27 -10.21 -7.80
N ARG B 127 1.49 -11.28 -7.61
CA ARG B 127 0.11 -11.23 -7.15
C ARG B 127 -0.06 -11.93 -5.79
N ILE B 128 1.00 -12.05 -5.00
CA ILE B 128 0.94 -12.83 -3.74
C ILE B 128 0.53 -11.85 -2.64
N ILE B 129 -0.77 -11.65 -2.51
CA ILE B 129 -1.35 -10.55 -1.74
C ILE B 129 -2.37 -11.08 -0.74
N VAL B 130 -2.42 -10.45 0.43
CA VAL B 130 -3.51 -10.59 1.39
C VAL B 130 -4.06 -9.20 1.65
N SER B 131 -5.38 -9.03 1.53
CA SER B 131 -6.03 -7.77 1.89
C SER B 131 -7.01 -8.01 3.03
N ALA B 132 -6.92 -7.18 4.07
CA ALA B 132 -7.94 -7.10 5.11
C ALA B 132 -8.97 -6.02 4.79
N TRP B 133 -8.73 -5.21 3.76
CA TRP B 133 -9.56 -4.04 3.47
C TRP B 133 -10.74 -4.48 2.59
N ASN B 134 -11.69 -5.12 3.25
CA ASN B 134 -12.91 -5.57 2.59
C ASN B 134 -13.92 -4.43 2.66
N VAL B 135 -13.96 -3.62 1.60
CA VAL B 135 -14.75 -2.40 1.57
C VAL B 135 -16.19 -2.69 1.98
N GLY B 136 -16.74 -3.80 1.48
CA GLY B 136 -18.13 -4.14 1.69
C GLY B 136 -18.47 -4.62 3.09
N GLU B 137 -17.47 -4.80 3.97
CA GLU B 137 -17.73 -5.19 5.35
C GLU B 137 -17.20 -4.19 6.37
N LEU B 138 -16.64 -3.07 5.94
CA LEU B 138 -16.08 -2.10 6.87
C LEU B 138 -17.11 -1.67 7.91
N ASP B 139 -18.37 -1.48 7.49
CA ASP B 139 -19.40 -0.98 8.40
C ASP B 139 -19.74 -1.96 9.51
N LYS B 140 -19.33 -3.22 9.39
CA LYS B 140 -19.59 -4.23 10.42
C LYS B 140 -18.41 -4.41 11.37
N MET B 141 -17.27 -3.80 11.09
CA MET B 141 -16.06 -3.99 11.88
C MET B 141 -16.01 -3.01 13.04
N ALA B 142 -15.49 -3.46 14.19
CA ALA B 142 -15.41 -2.59 15.36
C ALA B 142 -14.40 -1.46 15.15
N LEU B 143 -13.29 -1.73 14.48
N LEU B 143 -13.39 -1.70 14.33
CA LEU B 143 -12.40 -0.71 13.97
CA LEU B 143 -12.31 -0.76 14.06
C LEU B 143 -12.06 -1.08 12.54
C LEU B 143 -11.82 -1.10 12.66
N ALA B 144 -11.63 -0.10 11.78
CA ALA B 144 -11.22 -0.39 10.41
C ALA B 144 -9.82 -1.01 10.43
N PRO B 145 -9.48 -1.86 9.45
CA PRO B 145 -8.15 -2.51 9.46
C PRO B 145 -7.02 -1.49 9.40
N CYS B 146 -6.07 -1.61 10.33
CA CYS B 146 -4.89 -0.73 10.38
C CYS B 146 -3.79 -1.25 9.46
N HIS B 147 -3.41 -2.50 9.69
CA HIS B 147 -2.51 -3.25 8.81
C HIS B 147 -3.41 -3.82 7.72
N ALA B 148 -3.50 -3.10 6.61
CA ALA B 148 -4.62 -3.23 5.69
C ALA B 148 -4.35 -4.17 4.52
N PHE B 149 -3.12 -4.25 4.05
CA PHE B 149 -2.82 -4.82 2.73
C PHE B 149 -1.37 -5.25 2.75
N PHE B 150 -1.08 -6.52 2.42
CA PHE B 150 0.31 -6.95 2.44
C PHE B 150 0.61 -7.88 1.27
N GLN B 151 1.89 -7.94 0.94
CA GLN B 151 2.36 -8.63 -0.26
C GLN B 151 3.62 -9.42 0.07
N PHE B 152 3.75 -10.61 -0.50
CA PHE B 152 4.95 -11.42 -0.41
C PHE B 152 5.71 -11.39 -1.73
N TYR B 153 6.99 -11.72 -1.64
CA TYR B 153 7.90 -11.65 -2.77
C TYR B 153 9.00 -12.65 -2.54
N VAL B 154 9.41 -13.36 -3.58
CA VAL B 154 10.49 -14.34 -3.49
C VAL B 154 11.55 -14.01 -4.52
N ALA B 155 12.80 -13.92 -4.07
CA ALA B 155 13.95 -13.78 -4.96
C ALA B 155 15.14 -14.48 -4.33
N ASP B 156 15.86 -15.27 -5.14
CA ASP B 156 17.07 -15.95 -4.70
C ASP B 156 16.85 -16.74 -3.41
N GLY B 157 15.73 -17.44 -3.34
CA GLY B 157 15.46 -18.33 -2.23
C GLY B 157 15.05 -17.65 -0.94
N LYS B 158 14.79 -16.33 -0.95
CA LYS B 158 14.43 -15.58 0.25
C LYS B 158 13.02 -15.00 0.12
N LEU B 159 12.26 -15.11 1.19
CA LEU B 159 10.89 -14.60 1.27
C LEU B 159 10.87 -13.22 1.93
N SER B 160 10.33 -12.22 1.23
CA SER B 160 10.09 -10.89 1.78
C SER B 160 8.60 -10.61 1.87
N CYS B 161 8.26 -9.60 2.69
CA CYS B 161 6.88 -9.17 2.84
C CYS B 161 6.88 -7.66 2.99
N GLN B 162 5.91 -7.00 2.36
CA GLN B 162 5.66 -5.57 2.55
C GLN B 162 4.24 -5.39 3.06
N LEU B 163 4.11 -4.57 4.10
CA LEU B 163 2.82 -4.17 4.65
C LEU B 163 2.54 -2.71 4.32
N TYR B 164 1.31 -2.44 3.85
CA TYR B 164 0.77 -1.08 3.80
C TYR B 164 -0.11 -0.89 5.03
N GLN B 165 0.36 -0.06 5.96
CA GLN B 165 -0.34 0.20 7.22
C GLN B 165 -0.96 1.59 7.08
N ARG B 166 -2.28 1.64 6.82
CA ARG B 166 -2.95 2.89 6.51
C ARG B 166 -3.02 3.83 7.71
N SER B 167 -2.97 3.28 8.93
CA SER B 167 -3.02 4.08 10.14
C SER B 167 -2.13 3.42 11.17
N CYS B 168 -1.26 4.22 11.79
CA CYS B 168 -0.22 3.67 12.67
C CYS B 168 -0.06 4.54 13.91
N ASP B 169 -0.41 3.96 15.06
CA ASP B 169 -0.08 4.50 16.39
C ASP B 169 1.37 4.09 16.63
N VAL B 170 2.29 5.03 16.42
CA VAL B 170 3.72 4.72 16.45
C VAL B 170 4.11 4.14 17.80
N PHE B 171 3.52 4.63 18.89
CA PHE B 171 3.93 4.23 20.24
C PHE B 171 3.44 2.83 20.58
N LEU B 172 2.11 2.63 20.58
CA LEU B 172 1.55 1.35 21.00
C LEU B 172 1.47 0.30 19.91
N GLY B 173 1.02 0.68 18.73
CA GLY B 173 0.72 -0.29 17.70
C GLY B 173 1.92 -0.78 16.91
N LEU B 174 2.74 0.17 16.47
CA LEU B 174 3.80 -0.17 15.52
C LEU B 174 4.76 -1.25 16.03
N PRO B 175 5.21 -1.24 17.28
CA PRO B 175 6.10 -2.35 17.71
C PRO B 175 5.45 -3.71 17.53
N PHE B 176 4.15 -3.81 17.79
CA PHE B 176 3.42 -5.06 17.57
C PHE B 176 3.33 -5.40 16.09
N ASN B 177 2.94 -4.43 15.26
CA ASN B 177 2.76 -4.70 13.84
C ASN B 177 4.07 -5.19 13.20
N ILE B 178 5.21 -4.56 13.54
CA ILE B 178 6.48 -4.99 12.95
C ILE B 178 6.78 -6.44 13.34
N ALA B 179 6.70 -6.73 14.65
CA ALA B 179 7.04 -8.06 15.13
C ALA B 179 6.09 -9.12 14.59
N SER B 180 4.81 -8.80 14.48
CA SER B 180 3.80 -9.75 14.01
C SER B 180 4.10 -10.19 12.58
N TYR B 181 4.31 -9.23 11.68
CA TYR B 181 4.60 -9.58 10.29
C TYR B 181 5.94 -10.26 10.15
N ALA B 182 6.95 -9.85 10.94
CA ALA B 182 8.22 -10.57 10.90
C ALA B 182 8.04 -12.03 11.30
N LEU B 183 7.24 -12.28 12.33
N LEU B 183 7.29 -12.29 12.38
CA LEU B 183 6.99 -13.66 12.74
CA LEU B 183 6.98 -13.67 12.74
C LEU B 183 6.27 -14.44 11.65
C LEU B 183 6.36 -14.40 11.56
N LEU B 184 5.30 -13.81 10.98
CA LEU B 184 4.59 -14.46 9.88
C LEU B 184 5.53 -14.84 8.75
N VAL B 185 6.49 -13.96 8.41
CA VAL B 185 7.45 -14.28 7.36
C VAL B 185 8.26 -15.51 7.76
N HIS B 186 8.73 -15.57 9.01
CA HIS B 186 9.48 -16.74 9.45
C HIS B 186 8.65 -18.02 9.33
N MET B 187 7.37 -17.96 9.73
CA MET B 187 6.51 -19.14 9.69
C MET B 187 6.24 -19.58 8.24
N MET B 188 5.92 -18.63 7.36
N MET B 188 5.89 -18.62 7.39
CA MET B 188 5.70 -19.00 5.96
CA MET B 188 5.71 -18.86 5.96
C MET B 188 6.98 -19.50 5.30
C MET B 188 6.96 -19.50 5.35
N ALA B 189 8.12 -18.88 5.60
CA ALA B 189 9.37 -19.36 5.05
C ALA B 189 9.65 -20.79 5.49
N GLN B 190 9.38 -21.11 6.76
CA GLN B 190 9.58 -22.47 7.22
C GLN B 190 8.70 -23.44 6.44
N GLN B 191 7.42 -23.10 6.29
CA GLN B 191 6.50 -23.99 5.59
C GLN B 191 6.85 -24.15 4.12
N CYS B 192 7.55 -23.19 3.51
CA CYS B 192 7.91 -23.24 2.10
C CYS B 192 9.36 -23.59 1.85
N ASP B 193 10.13 -23.89 2.89
CA ASP B 193 11.54 -24.19 2.76
C ASP B 193 12.30 -23.05 2.08
N LEU B 194 11.98 -21.82 2.49
CA LEU B 194 12.68 -20.63 2.04
C LEU B 194 13.46 -20.02 3.20
N GLU B 195 14.45 -19.20 2.85
CA GLU B 195 15.11 -18.35 3.82
C GLU B 195 14.32 -17.05 3.99
N VAL B 196 14.60 -16.34 5.07
CA VAL B 196 13.92 -15.07 5.31
C VAL B 196 14.67 -13.94 4.62
N GLY B 197 13.88 -13.02 4.05
CA GLY B 197 14.38 -11.82 3.40
C GLY B 197 14.11 -10.57 4.21
N ASP B 198 13.41 -9.60 3.63
CA ASP B 198 13.13 -8.32 4.26
C ASP B 198 11.66 -8.26 4.67
N PHE B 199 11.41 -7.56 5.76
CA PHE B 199 10.09 -6.97 6.03
C PHE B 199 10.15 -5.48 5.73
N VAL B 200 9.35 -5.05 4.75
CA VAL B 200 9.25 -3.65 4.37
C VAL B 200 7.97 -3.10 4.97
N TRP B 201 8.08 -2.05 5.79
CA TRP B 201 6.93 -1.41 6.42
C TRP B 201 6.66 -0.08 5.74
N THR B 202 5.42 0.12 5.27
CA THR B 202 5.00 1.38 4.66
C THR B 202 3.82 1.93 5.44
N GLY B 203 3.90 3.20 5.82
CA GLY B 203 2.85 3.86 6.57
C GLY B 203 2.10 4.91 5.78
N GLY B 204 0.80 4.99 6.06
CA GLY B 204 -0.06 6.11 5.68
C GLY B 204 -0.05 7.19 6.74
N ASP B 205 -1.17 7.36 7.46
CA ASP B 205 -1.25 8.36 8.54
C ASP B 205 -0.54 7.76 9.75
N THR B 206 0.65 8.28 10.03
CA THR B 206 1.59 7.72 11.00
C THR B 206 1.74 8.74 12.11
N HIS B 207 1.36 8.37 13.34
CA HIS B 207 1.05 9.39 14.34
C HIS B 207 1.49 8.97 15.74
N LEU B 208 1.63 10.00 16.58
CA LEU B 208 1.80 9.88 18.02
C LEU B 208 0.63 10.60 18.69
N TYR B 209 -0.05 9.91 19.60
CA TYR B 209 -1.14 10.53 20.34
C TYR B 209 -0.62 11.59 21.30
N SER B 210 -1.43 12.65 21.48
N SER B 210 -1.44 12.63 21.48
CA SER B 210 -1.02 13.79 22.30
CA SER B 210 -1.07 13.80 22.26
C SER B 210 -0.70 13.37 23.73
C SER B 210 -0.92 13.52 23.76
N ASN B 211 -1.39 12.36 24.26
CA ASN B 211 -1.19 11.95 25.62
C ASN B 211 -0.02 10.98 25.78
N HIS B 212 0.81 10.80 24.75
CA HIS B 212 1.99 9.95 24.79
C HIS B 212 3.30 10.73 24.72
N MET B 213 3.28 12.05 24.91
CA MET B 213 4.50 12.82 24.74
C MET B 213 5.55 12.48 25.81
N ASP B 214 5.15 12.34 27.07
CA ASP B 214 6.15 11.99 28.09
C ASP B 214 6.80 10.65 27.77
N GLN B 215 5.97 9.67 27.37
CA GLN B 215 6.47 8.34 27.07
C GLN B 215 7.40 8.36 25.86
N THR B 216 7.07 9.21 24.86
CA THR B 216 7.90 9.38 23.68
C THR B 216 9.27 9.97 24.04
N HIS B 217 9.29 11.04 24.84
CA HIS B 217 10.57 11.61 25.26
C HIS B 217 11.39 10.58 26.04
N LEU B 218 10.74 9.80 26.90
CA LEU B 218 11.45 8.75 27.62
C LEU B 218 12.09 7.77 26.65
N GLN B 219 11.32 7.24 25.71
CA GLN B 219 11.87 6.22 24.83
C GLN B 219 12.98 6.78 23.95
N LEU B 220 12.83 8.01 23.47
CA LEU B 220 13.85 8.62 22.62
C LEU B 220 15.15 8.89 23.37
N SER B 221 15.13 8.90 24.70
CA SER B 221 16.36 9.07 25.47
C SER B 221 17.16 7.78 25.59
N ARG B 222 16.64 6.66 25.10
CA ARG B 222 17.26 5.35 25.27
C ARG B 222 17.94 4.89 23.99
N GLU B 223 19.09 4.22 24.14
CA GLU B 223 19.80 3.71 22.97
C GLU B 223 19.34 2.29 22.65
N PRO B 224 19.12 1.96 21.39
CA PRO B 224 18.73 0.59 21.04
C PRO B 224 19.85 -0.40 21.37
N ARG B 225 19.42 -1.63 21.56
CA ARG B 225 20.30 -2.75 21.82
C ARG B 225 20.28 -3.76 20.69
N PRO B 226 21.25 -4.66 20.62
CA PRO B 226 21.27 -5.62 19.50
C PRO B 226 19.97 -6.41 19.43
N LEU B 227 19.54 -6.71 18.21
CA LEU B 227 18.29 -7.44 18.01
C LEU B 227 18.40 -8.87 18.52
N PRO B 228 17.31 -9.44 19.00
CA PRO B 228 17.26 -10.85 19.37
C PRO B 228 17.19 -11.75 18.14
N LYS B 229 17.14 -13.06 18.40
CA LYS B 229 17.04 -14.09 17.37
C LYS B 229 15.78 -14.92 17.62
N LEU B 230 15.00 -15.15 16.56
CA LEU B 230 13.84 -16.03 16.66
C LEU B 230 14.26 -17.47 16.42
N ILE B 231 13.85 -18.35 17.32
CA ILE B 231 14.00 -19.80 17.18
C ILE B 231 12.62 -20.41 17.07
N ILE B 232 12.38 -21.20 16.02
CA ILE B 232 11.19 -22.03 15.92
C ILE B 232 11.58 -23.43 16.33
N LYS B 233 10.97 -23.94 17.40
CA LYS B 233 11.40 -25.18 18.04
C LYS B 233 10.74 -26.43 17.45
N ARG B 234 9.69 -26.26 16.65
CA ARG B 234 8.95 -27.37 16.08
C ARG B 234 8.41 -26.89 14.74
N LYS B 235 8.49 -27.73 13.71
CA LYS B 235 7.94 -27.41 12.40
C LYS B 235 6.56 -28.07 12.30
N PRO B 236 5.47 -27.32 12.41
CA PRO B 236 4.14 -27.93 12.35
C PRO B 236 3.78 -28.40 10.94
N GLU B 237 2.64 -29.09 10.86
CA GLU B 237 2.18 -29.66 9.60
C GLU B 237 1.72 -28.62 8.59
N SER B 238 1.32 -27.44 9.04
CA SER B 238 0.85 -26.37 8.15
C SER B 238 0.99 -25.05 8.89
N ILE B 239 0.83 -23.96 8.13
CA ILE B 239 0.84 -22.60 8.67
C ILE B 239 -0.22 -22.39 9.74
N PHE B 240 -1.23 -23.26 9.80
CA PHE B 240 -2.35 -23.15 10.73
C PHE B 240 -2.16 -23.95 12.01
N ASP B 241 -0.99 -24.56 12.20
CA ASP B 241 -0.79 -25.53 13.27
C ASP B 241 0.29 -25.09 14.27
N TYR B 242 0.68 -23.82 14.26
CA TYR B 242 1.63 -23.31 15.24
C TYR B 242 0.98 -23.11 16.60
N ARG B 243 1.82 -23.12 17.62
CA ARG B 243 1.42 -22.87 19.00
C ARG B 243 2.43 -21.94 19.64
N PHE B 244 1.99 -21.23 20.69
CA PHE B 244 2.85 -20.28 21.38
C PHE B 244 4.19 -20.90 21.76
N GLU B 245 4.16 -22.14 22.24
CA GLU B 245 5.37 -22.81 22.72
C GLU B 245 6.37 -23.14 21.61
N ASP B 246 5.98 -22.99 20.35
CA ASP B 246 6.92 -23.25 19.26
C ASP B 246 7.97 -22.16 19.11
N PHE B 247 7.77 -21.00 19.73
CA PHE B 247 8.62 -19.85 19.50
C PHE B 247 9.48 -19.52 20.72
N GLU B 248 10.75 -19.23 20.48
CA GLU B 248 11.62 -18.69 21.52
C GLU B 248 12.37 -17.50 20.93
N ILE B 249 12.34 -16.39 21.65
CA ILE B 249 13.09 -15.21 21.25
C ILE B 249 14.31 -15.17 22.15
N GLU B 250 15.47 -15.40 21.56
CA GLU B 250 16.74 -15.54 22.26
C GLU B 250 17.51 -14.22 22.23
N GLY B 251 18.16 -13.89 23.35
CA GLY B 251 18.98 -12.71 23.38
C GLY B 251 18.21 -11.40 23.34
N TYR B 252 16.99 -11.38 23.88
CA TYR B 252 16.19 -10.15 23.97
C TYR B 252 16.50 -9.48 25.30
N ASP B 253 17.11 -8.30 25.23
CA ASP B 253 17.58 -7.57 26.41
C ASP B 253 17.06 -6.15 26.36
N PRO B 254 15.74 -5.96 26.52
CA PRO B 254 15.16 -4.63 26.35
C PRO B 254 15.36 -3.73 27.56
N HIS B 255 15.23 -2.43 27.31
CA HIS B 255 14.96 -1.45 28.34
C HIS B 255 13.59 -1.72 28.96
N PRO B 256 13.26 -1.11 30.11
CA PRO B 256 11.98 -1.41 30.76
C PRO B 256 10.75 -1.07 29.92
N GLY B 257 9.72 -1.90 30.08
CA GLY B 257 8.41 -1.57 29.51
C GLY B 257 7.95 -0.18 29.92
N ILE B 258 7.20 0.47 29.03
CA ILE B 258 6.67 1.82 29.24
C ILE B 258 5.15 1.72 29.23
N LYS B 259 4.50 2.31 30.22
CA LYS B 259 3.05 2.27 30.38
C LYS B 259 2.41 3.49 29.70
N ALA B 260 1.47 3.22 28.80
CA ALA B 260 0.82 4.30 28.07
C ALA B 260 -0.61 3.90 27.76
N PRO B 261 -1.58 4.78 27.99
CA PRO B 261 -2.98 4.40 27.78
C PRO B 261 -3.36 4.46 26.31
N VAL B 262 -4.16 3.48 25.88
CA VAL B 262 -4.63 3.44 24.49
C VAL B 262 -5.79 4.41 24.30
N ALA B 263 -5.86 4.98 23.09
CA ALA B 263 -6.94 5.89 22.71
C ALA B 263 -8.05 5.04 22.10
N ILE B 264 -9.25 5.13 22.66
CA ILE B 264 -10.34 4.24 22.30
C ILE B 264 -11.17 4.77 21.12
P UMC C . 1.31 -8.91 -13.31
N1 UMC C . 1.27 -2.62 -14.73
C2 UMC C . 1.67 -1.38 -14.39
O2 UMC C . 2.86 -1.09 -14.25
N3 UMC C . 0.71 -0.41 -14.21
C4 UMC C . -0.59 -0.55 -14.53
O4 UMC C . -1.38 0.38 -14.38
C5 UMC C . -1.04 -1.88 -15.10
C6 UMC C . -0.13 -3.05 -14.68
C1' UMC C . 2.31 -3.63 -15.11
O1P UMC C . 1.92 -10.24 -13.70
C2' UMC C . 2.99 -4.37 -13.95
O2P UMC C . -0.17 -8.96 -13.00
C3' UMC C . 3.38 -5.68 -14.64
O3' UMC C . 4.53 -5.51 -15.47
O3P UMC C . 2.11 -8.20 -12.25
C4' UMC C . 2.18 -5.94 -15.52
O4' UMC C . 1.68 -4.64 -15.89
C5' UMC C . 1.08 -6.71 -14.83
O5' UMC C . 1.49 -8.08 -14.70
H2' UMC C . 2.25 -4.58 -13.16
H5' UMC C . 0.17 -6.66 -15.42
H1' UMC C . 3.09 -3.14 -15.71
H3' UMC C . 3.51 -6.49 -13.90
H4' UMC C . 2.50 -6.50 -16.42
H5 UMC C . -1.07 -1.82 -16.19
HN3 UMC C . 1.00 0.48 -13.88
N1 CB3 D . 1.32 -4.69 -18.96
C2 CB3 D . 2.65 -4.48 -18.80
NA2 CB3 D . 3.49 -5.50 -18.93
N3 CB3 D . 3.15 -3.25 -18.49
C4 CB3 D . 2.37 -2.15 -18.29
O4 CB3 D . 2.88 -1.11 -17.85
C4A CB3 D . 0.97 -2.34 -18.53
C5 CB3 D . 0.10 -1.23 -18.53
C6 CB3 D . -1.26 -1.39 -18.84
C7 CB3 D . -1.74 -2.66 -19.12
C8 CB3 D . -0.89 -3.76 -19.11
C8A CB3 D . 0.48 -3.61 -18.86
C9 CB3 D . -2.24 -0.19 -18.99
N10 CB3 D . -1.47 1.04 -19.33
C11 CB3 D . 1.42 1.42 -22.37
C12 CB3 D . 1.25 2.43 -21.41
C13 CB3 D . 0.32 2.28 -20.39
C14 CB3 D . -0.48 1.16 -20.35
C15 CB3 D . -0.32 0.16 -21.31
C16 CB3 D . 0.62 0.29 -22.32
C CB3 D . 2.34 1.60 -23.51
O CB3 D . 2.51 0.65 -24.36
N CB3 D . 2.82 2.81 -23.74
CA CB3 D . 3.62 3.13 -24.91
CB CB3 D . 2.70 3.48 -26.09
CG CB3 D . 1.74 4.61 -25.75
CD CB3 D . 0.85 4.97 -26.92
OE1 CB3 D . 1.11 5.95 -27.63
OE2 CB3 D . -0.19 4.30 -27.22
CT CB3 D . 4.56 4.22 -24.57
O1 CB3 D . 4.40 4.89 -23.51
O2 CB3 D . 5.52 4.40 -25.35
CP1 CB3 D . -1.67 2.14 -18.41
CP2 CB3 D . -0.71 2.22 -17.31
CP3 CB3 D . 0.08 2.24 -16.42
HN1 CB3 D . 0.99 -5.58 -19.40
HN21 CB3 D . 4.49 -5.36 -18.80
HN22 CB3 D . 3.13 -6.42 -19.17
H5 CB3 D . 0.49 -0.23 -18.28
H7 CB3 D . -2.80 -2.79 -19.34
H8 CB3 D . -1.30 -4.75 -19.31
H91 CB3 D . -2.79 -0.04 -18.07
H92 CB3 D . -2.96 -0.40 -19.79
H12 CB3 D . 1.86 3.33 -21.46
H13 CB3 D . 0.22 3.06 -19.63
H15 CB3 D . -0.94 -0.74 -21.26
H16 CB3 D . 0.78 -0.52 -23.01
HN CB3 D . 2.63 3.56 -23.08
HA CB3 D . 4.20 2.23 -25.19
HB1 CB3 D . 2.13 2.60 -26.39
HB2 CB3 D . 3.32 3.77 -26.95
HG1 CB3 D . 2.32 5.49 -25.46
HG2 CB3 D . 1.13 4.32 -24.91
HP11 CB3 D . -2.68 2.06 -17.99
HP12 CB3 D . -1.64 3.08 -18.98
HP3 CB3 D . 0.89 2.93 -16.68
NA NA E . -3.37 6.68 -29.13
N1 EPE F . -1.12 28.48 -2.06
C2 EPE F . -1.73 28.46 -3.35
C3 EPE F . -0.83 27.77 -4.38
N4 EPE F . 0.45 28.33 -4.43
C5 EPE F . 1.06 28.36 -3.15
C6 EPE F . 0.17 29.02 -2.09
C7 EPE F . 1.14 27.72 -5.28
C8 EPE F . 2.60 27.48 -4.80
O8 EPE F . 3.36 26.87 -5.89
C9 EPE F . -1.98 29.30 -1.12
C10 EPE F . -1.65 28.92 0.31
S EPE F . -2.70 29.93 1.43
O1S EPE F . -4.14 29.46 1.34
O2S EPE F . -2.19 29.88 2.84
O3S EPE F . -2.58 31.37 1.10
N1 EPE G . -4.38 22.84 11.59
C2 EPE G . -3.09 22.68 12.15
C3 EPE G . -3.01 23.20 13.60
N4 EPE G . -3.47 24.52 13.72
C5 EPE G . -4.79 24.62 13.20
C6 EPE G . -4.88 24.13 11.75
C7 EPE G . -3.39 24.94 14.90
C8 EPE G . -3.50 26.47 14.95
O8 EPE G . -2.54 26.97 15.94
C9 EPE G . -4.32 22.51 10.10
C10 EPE G . -5.71 22.29 9.53
S EPE G . -5.58 21.82 7.75
O1S EPE G . -4.94 20.47 7.64
O2S EPE G . -6.91 21.86 7.05
O3S EPE G . -4.84 22.85 6.98
H21 EPE G . -2.45 23.16 11.61
H22 EPE G . -2.87 21.74 12.14
H31 EPE G . -2.08 23.16 13.90
H32 EPE G . -3.55 22.63 14.17
H51 EPE G . -5.08 25.54 13.25
H52 EPE G . -5.39 24.07 13.75
H61 EPE G . -5.80 24.16 11.47
H62 EPE G . -4.36 24.74 11.20
H71 EPE G . -2.53 24.66 15.28
H72 EPE G . -4.10 24.55 15.43
H81 EPE G . -4.39 26.73 15.21
H82 EPE G . -3.29 26.83 14.08
HO8 EPE G . -2.43 27.81 15.82
H91 EPE G . -3.80 21.70 9.98
H92 EPE G . -3.89 23.23 9.62
H101 EPE G . -6.16 21.58 10.02
H102 EPE G . -6.22 23.11 9.62
P UMC H . -8.41 4.69 13.15
N1 UMC H . -3.69 0.77 14.99
C2 UMC H . -2.43 0.35 14.82
O2 UMC H . -1.48 1.14 14.91
N3 UMC H . -2.20 -0.96 14.52
C4 UMC H . -3.12 -1.94 14.56
O4 UMC H . -2.82 -3.13 14.32
C5 UMC H . -4.51 -1.55 14.96
C6 UMC H . -4.84 -0.08 14.65
C1' UMC H . -3.94 2.13 15.50
O1P UMC H . -9.16 5.93 13.54
C2' UMC H . -3.95 3.24 14.42
O2P UMC H . -9.27 3.61 12.55
C3' UMC H . -4.88 4.25 15.06
O3' UMC H . -4.22 5.01 16.10
O3P UMC H . -7.20 5.00 12.33
C4' UMC H . -5.93 3.37 15.71
O4' UMC H . -5.24 2.17 16.08
C5' UMC H . -7.06 3.02 14.76
O5' UMC H . -7.90 4.17 14.61
H2' UMC H . -4.39 2.87 13.51
H5' UMC H . -7.64 2.19 15.16
H1' UMC H . -3.18 2.39 16.25
H3' UMC H . -5.34 4.91 14.31
H4' UMC H . -6.33 3.87 16.60
H5 UMC H . -4.65 -1.74 16.02
HN3 UMC H . -1.25 -1.24 14.31
N1 CB3 I . -6.01 1.80 19.04
C2 CB3 I . -5.04 2.71 19.16
NA2 CB3 I . -5.34 3.97 19.41
N3 CB3 I . -3.71 2.39 19.02
C4 CB3 I . -3.30 1.09 18.77
O4 CB3 I . -2.10 0.91 18.50
C4A CB3 I . -4.30 0.09 18.73
C5 CB3 I . -3.95 -1.25 18.62
C6 CB3 I . -4.96 -2.24 18.61
C7 CB3 I . -6.30 -1.86 18.70
C8 CB3 I . -6.65 -0.52 18.81
C8A CB3 I . -5.65 0.46 18.84
C9 CB3 I . -4.65 -3.76 18.60
N10 CB3 I . -3.29 -3.97 19.15
C11 CB3 I . -1.69 -2.41 22.74
C12 CB3 I . -3.04 -2.27 22.46
C13 CB3 I . -3.58 -2.79 21.28
C14 CB3 I . -2.77 -3.43 20.35
C15 CB3 I . -1.42 -3.55 20.64
C16 CB3 I . -0.89 -3.07 21.82
C CB3 I . -1.14 -1.95 24.04
O CB3 I . -1.94 -1.30 24.84
N CB3 I . 0.07 -2.32 24.39
CA CB3 I . 0.68 -2.01 25.66
CB CB3 I . 0.24 -3.02 26.73
CG CB3 I . 0.50 -4.46 26.31
CD CB3 I . 0.13 -5.36 27.45
OE1 CB3 I . 1.00 -5.57 28.33
OE2 CB3 I . -1.03 -5.83 27.56
CT CB3 I . 2.17 -2.00 25.51
O1 CB3 I . 2.85 -1.52 26.46
O2 CB3 I . 2.69 -2.46 24.46
CP1 CB3 I . -2.40 -4.74 18.28
CP2 CB3 I . -1.52 -3.94 17.41
CP3 CB3 I . -0.83 -3.26 16.73
HN1 CB3 I . -6.99 2.03 19.30
HN21 CB3 I . -4.61 4.66 19.48
HN22 CB3 I . -6.31 4.26 19.51
H5 CB3 I . -2.92 -1.54 18.43
H7 CB3 I . -7.07 -2.63 18.69
H8 CB3 I . -7.70 -0.24 18.85
H91 CB3 I . -4.71 -4.13 17.58
H92 CB3 I . -5.38 -4.30 19.20
H12 CB3 I . -3.69 -1.76 23.16
H13 CB3 I . -4.65 -2.67 21.08
H15 CB3 I . -0.76 -4.03 19.91
H16 CB3 I . 0.17 -3.21 22.03
HN CB3 I . 0.61 -2.87 23.74
HA CB3 I . 0.33 -1.03 25.98
HB1 CB3 I . -0.81 -2.89 26.94
HB2 CB3 I . 0.79 -2.82 27.65
HG1 CB3 I . 1.54 -4.60 26.04
HG2 CB3 I . -0.12 -4.72 25.44
HP11 CB3 I . -3.01 -5.39 17.64
HP12 CB3 I . -1.78 -5.38 18.90
HP3 CB3 I . -0.86 -2.24 17.10
#